data_9B4S
#
_entry.id   9B4S
#
_cell.length_a   181.488
_cell.length_b   181.488
_cell.length_c   96.030
_cell.angle_alpha   90.00
_cell.angle_beta   90.00
_cell.angle_gamma   90.00
#
_symmetry.space_group_name_H-M   'P 42 21 2'
#
loop_
_entity.id
_entity.type
_entity.pdbx_description
1 polymer 'Phosphatidylinositol 4,5-bisphosphate 3-kinase catalytic subunit alpha isoform'
2 polymer 'Ras-related protein R-Ras2'
3 non-polymer (2S)-2-({2-[1-(propan-2-yl)-1H-1,2,4-triazol-5-yl]-5,6-dihydroimidazo[1,2-d][1,4]benzoxazepin-9-yl}oxy)propanamide
4 non-polymer 'PHOSPHOAMINOPHOSPHONIC ACID-GUANYLATE ESTER'
5 non-polymer 'MAGNESIUM ION'
#
loop_
_entity_poly.entity_id
_entity_poly.type
_entity_poly.pdbx_seq_one_letter_code
_entity_poly.pdbx_strand_id
1 'polypeptide(L)'
;GVGNREEKILNREIGFAIGMPVCEFDMVKDPEVQDFRRNILNVCKEAVDLRDLNSPHSRAMYVYPPNVESSPELPKHIYN
KLDKGQIIVVIWVIVSPNNDKQKYTLKINHDCVPEQVIAEAIRKKTRSMLLSSEQLKLCVLEYQGKYILKVCGCDEYFLE
KYPLSQYKYIRSCIMLGRMPNLMLMAKESLYSQLPMDCFTMPSYSRRISTATPYMNGETSTKSLWVINSALRIKILCATY
VNVNIRDIDKIYVRTGIYHGGEPLCDNVNTQRVPCSNPRWNEWLNYDIYIPDLPRAARLCLSICSVKGRKGAKEEHCPLA
WGNINLFDYTDTLVSGKMALNLWPVPHGLEDLLNPIGVTGSNPNKETPCLELEFDWFSSVVKFPDMSVIEEHANWSVSRE
AGFSYSHAGLSNRLARDNELRENDKEQLKAISTRDPLSEITEQEKDFLWSHRHYCVTIPEILPKLLLSVKWNSRDEVAQM
YCLVKDWPPIKPEQAMELLDCNYPDPMVRGFAVRCLEKYLTDDKLSQYLIQLVQVLKYEQYLDNLLVRFLLKKALTNQRI
GHFFFWHLKSEMHNKTVSQRFGLLLESYCRACGMYLKHLNRQVEAMEKLINLTDILKQEKKDETQKVQMKFLVEQMRRPD
FMDALQGFLSPLNPAHQLGNLRLEECRIMSSAKRPLWLNWENPDIMSELLFQNNEIIFKNGDDLRQDMLTLQIIRIMENI
WQNQGLDLRMLPYGCLSIGDCVGLIEVVRNSHTIMQIQCKGGLKGALQFNSHTLHQWLKDKNKGEIYDAAIDLFTRSCAG
YCVATFILGIGDRHNSNIMVKDDGQLFHIDFGHFLDHKKKKFGYKRERVPFVLTQDFLIVISKGAQECTKTREFERFQEM
CYKAYLAIRQHANLFINLFSMMLGSGMPELQSFDDIAYIRKTLALDKTEQEALEYFMKQMNDAHHGGWTTKMDAAAHTIK
QHALN
;
A
2 'polypeptide(L)'
;GMAAAGWRDGSGQEKYRLVVVGGGGVGKSALTIQFIASYFVTDYDPTIEDSYTKQCVIDDRAARLDILDTAGQEEFGAMR
EQYMRTGEGFLLVFSVTDRGSFEEIYKFQRQILRVKDRDEFPMILIGNKADLDHQRQVTQEEGQQLARQLKVTYMEASAK
IRMNVDQAFHELVRVIRKFQ
;
B
#
# COMPACT_ATOMS: atom_id res chain seq x y z
N ASN A 4 -2.10 29.22 -26.66
CA ASN A 4 -3.08 29.15 -25.59
C ASN A 4 -4.23 28.21 -25.94
N ARG A 5 -4.24 27.72 -27.18
CA ARG A 5 -5.31 26.85 -27.63
C ARG A 5 -5.24 25.48 -26.97
N GLU A 6 -4.02 24.98 -26.69
CA GLU A 6 -3.90 23.70 -26.01
C GLU A 6 -4.24 23.84 -24.53
N GLU A 7 -3.94 24.99 -23.92
CA GLU A 7 -4.26 25.18 -22.51
C GLU A 7 -5.77 25.23 -22.27
N LYS A 8 -6.54 25.66 -23.28
CA LYS A 8 -7.99 25.64 -23.15
C LYS A 8 -8.55 24.24 -23.06
N ILE A 9 -7.78 23.24 -23.46
CA ILE A 9 -8.23 21.84 -23.39
C ILE A 9 -7.75 21.18 -22.10
N LEU A 10 -6.50 21.41 -21.72
CA LEU A 10 -5.96 20.77 -20.53
C LEU A 10 -6.61 21.31 -19.26
N ASN A 11 -6.89 22.62 -19.23
CA ASN A 11 -7.49 23.22 -18.04
C ASN A 11 -8.91 22.72 -17.79
N ARG A 12 -9.58 22.19 -18.81
CA ARG A 12 -10.92 21.66 -18.62
C ARG A 12 -10.88 20.36 -17.80
N GLU A 13 -10.10 19.39 -18.25
CA GLU A 13 -10.04 18.10 -17.56
C GLU A 13 -9.35 18.20 -16.21
N ILE A 14 -8.52 19.22 -15.99
CA ILE A 14 -7.89 19.40 -14.68
C ILE A 14 -8.93 19.78 -13.64
N GLY A 15 -9.85 20.68 -13.99
CA GLY A 15 -10.90 21.08 -13.07
C GLY A 15 -11.88 19.98 -12.73
N PHE A 16 -12.01 18.97 -13.60
CA PHE A 16 -12.91 17.86 -13.31
C PHE A 16 -12.36 16.99 -12.19
N ALA A 17 -11.07 16.67 -12.22
CA ALA A 17 -10.48 15.82 -11.19
C ALA A 17 -10.39 16.55 -9.85
N ILE A 18 -10.16 17.86 -9.87
CA ILE A 18 -10.06 18.59 -8.61
C ILE A 18 -11.43 18.83 -8.00
N GLY A 19 -12.47 18.96 -8.83
CA GLY A 19 -13.80 19.25 -8.34
C GLY A 19 -14.17 20.72 -8.34
N MET A 20 -13.28 21.59 -8.80
CA MET A 20 -13.54 23.02 -8.87
C MET A 20 -12.82 23.58 -10.09
N PRO A 21 -13.36 24.62 -10.72
CA PRO A 21 -12.72 25.17 -11.92
C PRO A 21 -11.37 25.81 -11.60
N VAL A 22 -10.53 25.86 -12.63
CA VAL A 22 -9.20 26.45 -12.48
C VAL A 22 -9.26 27.95 -12.31
N CYS A 23 -10.33 28.60 -12.78
CA CYS A 23 -10.44 30.06 -12.67
C CYS A 23 -10.54 30.53 -11.22
N GLU A 24 -10.89 29.64 -10.28
CA GLU A 24 -10.97 30.03 -8.88
C GLU A 24 -9.60 30.30 -8.27
N PHE A 25 -8.51 29.99 -9.00
CA PHE A 25 -7.16 30.28 -8.52
C PHE A 25 -6.50 31.44 -9.25
N ASP A 26 -6.92 31.76 -10.47
CA ASP A 26 -6.39 32.93 -11.16
C ASP A 26 -6.92 34.22 -10.60
N MET A 27 -8.07 34.19 -9.90
CA MET A 27 -8.67 35.37 -9.30
C MET A 27 -8.30 35.52 -7.82
N VAL A 28 -7.17 34.96 -7.41
CA VAL A 28 -6.71 35.03 -6.02
C VAL A 28 -5.71 36.17 -5.91
N LYS A 29 -6.02 37.16 -5.08
CA LYS A 29 -5.14 38.31 -4.88
C LYS A 29 -3.90 37.98 -4.05
N ASP A 30 -3.88 36.84 -3.39
CA ASP A 30 -2.74 36.47 -2.55
C ASP A 30 -1.48 36.32 -3.39
N PRO A 31 -0.41 37.04 -3.07
CA PRO A 31 0.83 36.88 -3.86
C PRO A 31 1.50 35.54 -3.65
N GLU A 32 1.34 34.91 -2.49
CA GLU A 32 1.91 33.58 -2.28
C GLU A 32 1.24 32.53 -3.15
N VAL A 33 -0.07 32.68 -3.39
CA VAL A 33 -0.79 31.73 -4.24
C VAL A 33 -0.27 31.81 -5.67
N GLN A 34 -0.08 33.02 -6.20
CA GLN A 34 0.39 33.16 -7.57
C GLN A 34 1.85 32.75 -7.70
N ASP A 35 2.67 33.06 -6.69
CA ASP A 35 4.06 32.64 -6.73
C ASP A 35 4.20 31.13 -6.57
N PHE A 36 3.26 30.50 -5.87
CA PHE A 36 3.24 29.05 -5.77
C PHE A 36 3.04 28.42 -7.15
N ARG A 37 2.00 28.85 -7.86
CA ARG A 37 1.70 28.28 -9.16
C ARG A 37 2.79 28.56 -10.17
N ARG A 38 3.54 29.65 -9.98
CA ARG A 38 4.62 30.00 -10.91
C ARG A 38 5.88 29.19 -10.65
N ASN A 39 6.32 29.15 -9.38
CA ASN A 39 7.59 28.53 -9.04
C ASN A 39 7.51 27.01 -8.91
N ILE A 40 6.33 26.47 -8.60
CA ILE A 40 6.20 25.02 -8.47
C ILE A 40 6.34 24.32 -9.81
N LEU A 41 6.22 25.06 -10.92
CA LEU A 41 6.43 24.47 -12.23
C LEU A 41 7.88 24.06 -12.45
N ASN A 42 8.81 24.61 -11.66
CA ASN A 42 10.20 24.15 -11.73
C ASN A 42 10.30 22.70 -11.29
N VAL A 43 9.50 22.30 -10.31
CA VAL A 43 9.45 20.90 -9.90
C VAL A 43 8.86 20.04 -11.02
N CYS A 44 7.88 20.58 -11.74
CA CYS A 44 7.29 19.84 -12.84
C CYS A 44 8.26 19.72 -14.01
N LYS A 45 8.99 20.81 -14.32
CA LYS A 45 9.95 20.77 -15.41
C LYS A 45 11.10 19.81 -15.12
N GLU A 46 11.61 19.82 -13.87
CA GLU A 46 12.66 18.89 -13.50
C GLU A 46 12.17 17.45 -13.47
N ALA A 47 10.86 17.23 -13.34
CA ALA A 47 10.30 15.89 -13.31
C ALA A 47 10.01 15.35 -14.71
N VAL A 48 9.40 16.17 -15.57
CA VAL A 48 9.08 15.71 -16.92
C VAL A 48 10.36 15.54 -17.74
N ASP A 49 11.40 16.32 -17.46
CA ASP A 49 12.68 16.11 -18.11
C ASP A 49 13.41 14.89 -17.57
N LEU A 50 13.03 14.40 -16.39
CA LEU A 50 13.58 13.16 -15.88
C LEU A 50 12.84 11.95 -16.43
N ARG A 51 11.55 12.10 -16.74
CA ARG A 51 10.77 11.04 -17.37
C ARG A 51 11.06 10.89 -18.85
N ASP A 52 11.87 11.79 -19.44
CA ASP A 52 12.13 11.77 -20.87
C ASP A 52 13.63 11.75 -21.18
N LEU A 53 14.47 11.36 -20.21
CA LEU A 53 15.89 11.19 -20.47
C LEU A 53 16.09 10.09 -21.50
N ASN A 54 15.80 8.85 -21.11
CA ASN A 54 15.72 7.76 -22.06
C ASN A 54 14.36 7.80 -22.74
N SER A 55 14.36 7.61 -24.07
CA SER A 55 13.14 7.87 -24.83
C SER A 55 12.02 6.89 -24.51
N PRO A 56 12.21 5.56 -24.56
CA PRO A 56 11.06 4.66 -24.31
C PRO A 56 10.92 4.21 -22.85
N HIS A 57 12.05 3.88 -22.21
CA HIS A 57 11.98 3.23 -20.91
C HIS A 57 11.62 4.19 -19.78
N SER A 58 12.13 5.42 -19.83
CA SER A 58 11.88 6.37 -18.75
C SER A 58 10.40 6.68 -18.59
N ARG A 59 9.65 6.71 -19.69
CA ARG A 59 8.21 6.90 -19.58
C ARG A 59 7.51 5.63 -19.10
N ALA A 60 7.99 4.47 -19.53
CA ALA A 60 7.39 3.21 -19.08
C ALA A 60 7.70 2.94 -17.62
N MET A 61 8.90 3.30 -17.16
CA MET A 61 9.23 3.15 -15.75
C MET A 61 8.35 4.04 -14.87
N TYR A 62 7.97 5.21 -15.38
CA TYR A 62 7.11 6.10 -14.61
C TYR A 62 5.70 5.52 -14.45
N VAL A 63 5.08 5.15 -15.57
CA VAL A 63 3.71 4.64 -15.52
C VAL A 63 3.65 3.28 -14.85
N TYR A 64 4.68 2.45 -15.02
CA TYR A 64 4.73 1.12 -14.44
C TYR A 64 6.01 0.99 -13.61
N PRO A 65 6.04 1.57 -12.41
CA PRO A 65 7.22 1.44 -11.56
C PRO A 65 7.29 0.06 -10.93
N PRO A 66 8.48 -0.49 -10.74
CA PRO A 66 8.60 -1.83 -10.17
C PRO A 66 8.18 -1.88 -8.70
N ASN A 67 6.97 -2.37 -8.45
CA ASN A 67 6.47 -2.53 -7.09
C ASN A 67 7.30 -3.62 -6.41
N VAL A 68 8.33 -3.20 -5.66
CA VAL A 68 9.28 -4.12 -5.06
C VAL A 68 9.36 -3.84 -3.57
N GLU A 69 9.94 -4.81 -2.84
CA GLU A 69 10.17 -4.64 -1.42
C GLU A 69 11.30 -3.64 -1.18
N SER A 70 11.51 -3.31 0.10
CA SER A 70 12.51 -2.30 0.44
C SER A 70 13.91 -2.87 0.51
N SER A 71 14.05 -4.18 0.79
CA SER A 71 15.35 -4.80 0.90
C SER A 71 15.38 -6.13 0.16
N PRO A 72 16.44 -6.40 -0.61
CA PRO A 72 16.54 -7.70 -1.29
C PRO A 72 16.85 -8.85 -0.34
N GLU A 73 17.34 -8.57 0.86
CA GLU A 73 17.68 -9.62 1.80
C GLU A 73 16.42 -10.35 2.24
N LEU A 74 16.42 -11.67 2.08
CA LEU A 74 15.25 -12.49 2.39
C LEU A 74 15.36 -13.04 3.80
N PRO A 75 14.28 -12.99 4.58
CA PRO A 75 14.31 -13.56 5.93
C PRO A 75 14.61 -15.06 5.89
N LYS A 76 15.12 -15.56 7.02
CA LYS A 76 15.55 -16.95 7.07
C LYS A 76 14.40 -17.91 6.83
N HIS A 77 13.23 -17.64 7.42
CA HIS A 77 12.09 -18.52 7.24
C HIS A 77 11.42 -18.35 5.88
N ILE A 78 11.58 -17.19 5.25
CA ILE A 78 11.05 -17.01 3.90
C ILE A 78 11.92 -17.73 2.88
N TYR A 79 13.24 -17.69 3.08
CA TYR A 79 14.16 -18.40 2.18
C TYR A 79 13.97 -19.91 2.27
N ASN A 80 13.59 -20.42 3.44
CA ASN A 80 13.38 -21.86 3.59
C ASN A 80 12.15 -22.35 2.84
N LYS A 81 11.25 -21.45 2.44
CA LYS A 81 10.10 -21.85 1.63
C LYS A 81 10.49 -22.22 0.21
N LEU A 82 11.71 -21.90 -0.22
CA LEU A 82 12.14 -22.16 -1.58
C LEU A 82 12.75 -23.55 -1.70
N ASP A 83 12.51 -24.21 -2.82
CA ASP A 83 13.10 -25.52 -3.10
C ASP A 83 14.58 -25.34 -3.35
N LYS A 84 15.40 -25.65 -2.35
CA LYS A 84 16.86 -25.53 -2.42
C LYS A 84 17.29 -24.11 -2.75
N GLY A 85 16.54 -23.12 -2.26
CA GLY A 85 16.84 -21.74 -2.57
C GLY A 85 16.47 -21.32 -3.97
N GLN A 86 15.55 -22.04 -4.62
CA GLN A 86 15.13 -21.74 -5.98
C GLN A 86 13.61 -21.65 -6.03
N ILE A 87 13.12 -20.95 -7.06
CA ILE A 87 11.70 -20.68 -7.21
C ILE A 87 11.22 -21.31 -8.52
N ILE A 88 9.99 -21.82 -8.50
CA ILE A 88 9.36 -22.41 -9.67
C ILE A 88 8.43 -21.35 -10.26
N VAL A 89 8.88 -20.68 -11.32
CA VAL A 89 8.09 -19.65 -11.98
C VAL A 89 7.56 -20.20 -13.29
N VAL A 90 6.43 -19.65 -13.73
CA VAL A 90 5.75 -20.08 -14.95
C VAL A 90 5.78 -18.91 -15.94
N ILE A 91 6.39 -19.15 -17.10
CA ILE A 91 6.49 -18.14 -18.15
C ILE A 91 5.43 -18.45 -19.21
N TRP A 92 4.58 -17.46 -19.48
CA TRP A 92 3.52 -17.59 -20.47
C TRP A 92 3.87 -16.76 -21.71
N VAL A 93 3.75 -17.37 -22.88
CA VAL A 93 4.07 -16.73 -24.15
C VAL A 93 2.92 -16.97 -25.11
N ILE A 94 2.49 -15.91 -25.79
CA ILE A 94 1.45 -15.99 -26.81
C ILE A 94 2.12 -16.13 -28.17
N VAL A 95 1.77 -17.19 -28.90
CA VAL A 95 2.43 -17.50 -30.16
C VAL A 95 1.50 -17.16 -31.33
N SER A 96 0.38 -17.87 -31.42
CA SER A 96 -0.52 -17.68 -32.54
C SER A 96 -1.25 -16.35 -32.41
N PRO A 97 -1.54 -15.69 -33.54
CA PRO A 97 -2.33 -14.44 -33.49
C PRO A 97 -3.76 -14.63 -33.04
N ASN A 98 -4.26 -15.88 -33.00
CA ASN A 98 -5.60 -16.17 -32.51
C ASN A 98 -5.68 -16.29 -31.00
N ASN A 99 -4.71 -15.71 -30.28
CA ASN A 99 -4.67 -15.72 -28.82
C ASN A 99 -4.61 -17.15 -28.27
N ASP A 100 -3.52 -17.83 -28.59
CA ASP A 100 -3.22 -19.16 -28.07
C ASP A 100 -2.15 -19.07 -27.00
N LYS A 101 -2.28 -19.94 -26.00
CA LYS A 101 -1.44 -19.88 -24.80
C LYS A 101 -0.45 -21.03 -24.78
N GLN A 102 0.76 -20.76 -24.30
CA GLN A 102 1.80 -21.76 -24.12
C GLN A 102 2.58 -21.45 -22.87
N LYS A 103 2.51 -22.32 -21.87
CA LYS A 103 3.24 -22.13 -20.62
C LYS A 103 4.61 -22.77 -20.71
N TYR A 104 5.54 -22.26 -19.90
CA TYR A 104 6.91 -22.77 -19.87
C TYR A 104 7.43 -22.63 -18.43
N THR A 105 7.24 -23.68 -17.64
CA THR A 105 7.74 -23.68 -16.28
C THR A 105 9.25 -23.91 -16.26
N LEU A 106 9.90 -23.31 -15.27
CA LEU A 106 11.35 -23.44 -15.15
C LEU A 106 11.75 -23.14 -13.72
N LYS A 107 12.71 -23.90 -13.19
CA LYS A 107 13.28 -23.66 -11.88
C LYS A 107 14.49 -22.74 -12.01
N ILE A 108 14.53 -21.70 -11.19
CA ILE A 108 15.58 -20.68 -11.26
C ILE A 108 15.82 -20.14 -9.86
N ASN A 109 17.00 -19.56 -9.67
CA ASN A 109 17.33 -18.97 -8.38
C ASN A 109 16.38 -17.81 -8.07
N HIS A 110 16.15 -17.57 -6.79
CA HIS A 110 15.19 -16.55 -6.38
C HIS A 110 15.74 -15.15 -6.63
N ASP A 111 17.05 -14.96 -6.54
CA ASP A 111 17.68 -13.65 -6.72
C ASP A 111 18.12 -13.41 -8.15
N CYS A 112 17.32 -13.79 -9.14
CA CYS A 112 17.64 -13.60 -10.55
C CYS A 112 16.97 -12.34 -11.07
N VAL A 113 17.73 -11.58 -11.85
CA VAL A 113 17.21 -10.37 -12.49
C VAL A 113 16.26 -10.78 -13.61
N PRO A 114 15.32 -9.92 -14.02
CA PRO A 114 14.40 -10.31 -15.10
C PRO A 114 15.10 -10.63 -16.41
N GLU A 115 16.33 -10.17 -16.62
CA GLU A 115 17.04 -10.51 -17.85
C GLU A 115 17.47 -11.98 -17.85
N GLN A 116 17.70 -12.56 -16.67
CA GLN A 116 18.14 -13.95 -16.60
C GLN A 116 16.98 -14.91 -16.80
N VAL A 117 15.79 -14.57 -16.30
CA VAL A 117 14.63 -15.44 -16.49
C VAL A 117 14.14 -15.36 -17.94
N ILE A 118 14.36 -14.21 -18.60
CA ILE A 118 14.04 -14.11 -20.02
C ILE A 118 14.94 -15.02 -20.83
N ALA A 119 16.24 -15.03 -20.52
CA ALA A 119 17.18 -15.87 -21.25
C ALA A 119 16.89 -17.35 -21.02
N GLU A 120 16.36 -17.71 -19.85
CA GLU A 120 15.98 -19.10 -19.61
C GLU A 120 14.73 -19.47 -20.39
N ALA A 121 13.78 -18.54 -20.52
CA ALA A 121 12.62 -18.78 -21.36
C ALA A 121 13.02 -18.88 -22.83
N ILE A 122 14.12 -18.22 -23.22
CA ILE A 122 14.64 -18.38 -24.57
C ILE A 122 15.10 -19.82 -24.79
N ARG A 123 15.76 -20.40 -23.79
CA ARG A 123 16.16 -21.80 -23.90
C ARG A 123 14.95 -22.72 -23.92
N LYS A 124 13.86 -22.33 -23.27
CA LYS A 124 12.62 -23.10 -23.32
C LYS A 124 11.89 -22.96 -24.65
N LYS A 125 12.35 -22.08 -25.54
CA LYS A 125 11.76 -21.91 -26.86
C LYS A 125 12.66 -22.37 -27.99
N THR A 126 13.90 -22.75 -27.70
CA THR A 126 14.86 -23.13 -28.73
C THR A 126 15.40 -24.54 -28.56
N ARG A 127 15.79 -24.92 -27.33
CA ARG A 127 16.38 -26.23 -27.03
C ARG A 127 17.66 -26.36 -27.88
N SER A 128 17.73 -27.30 -28.82
CA SER A 128 18.85 -27.40 -29.75
C SER A 128 18.27 -27.29 -31.15
N MET A 129 18.19 -26.05 -31.65
CA MET A 129 17.47 -25.70 -32.86
C MET A 129 18.47 -25.38 -33.98
N LEU A 130 18.06 -24.50 -34.90
CA LEU A 130 18.82 -24.21 -36.11
C LEU A 130 19.68 -22.98 -35.90
N LEU A 131 20.96 -23.08 -36.30
CA LEU A 131 21.88 -21.95 -36.25
C LEU A 131 22.96 -22.18 -37.29
N SER A 132 22.96 -21.36 -38.32
CA SER A 132 24.06 -21.34 -39.28
C SER A 132 25.11 -20.30 -38.83
N SER A 133 26.29 -20.40 -39.42
CA SER A 133 27.39 -19.51 -39.03
C SER A 133 27.15 -18.06 -39.46
N GLU A 134 26.01 -17.75 -40.07
CA GLU A 134 25.59 -16.38 -40.31
C GLU A 134 24.33 -16.01 -39.53
N GLN A 135 23.88 -16.87 -38.63
CA GLN A 135 22.65 -16.66 -37.87
C GLN A 135 22.92 -16.41 -36.39
N LEU A 136 24.14 -15.99 -36.04
CA LEU A 136 24.47 -15.70 -34.65
C LEU A 136 23.65 -14.52 -34.15
N LYS A 137 23.94 -13.33 -34.65
CA LYS A 137 23.21 -12.13 -34.23
C LYS A 137 21.72 -12.23 -34.52
N LEU A 138 21.30 -13.14 -35.40
CA LEU A 138 19.88 -13.38 -35.60
C LEU A 138 19.23 -13.94 -34.34
N CYS A 139 19.97 -14.73 -33.56
CA CYS A 139 19.47 -15.29 -32.32
C CYS A 139 20.10 -14.68 -31.07
N VAL A 140 21.27 -14.05 -31.20
CA VAL A 140 21.84 -13.34 -30.06
C VAL A 140 21.02 -12.08 -29.75
N LEU A 141 20.38 -11.51 -30.76
CA LEU A 141 19.50 -10.36 -30.54
C LEU A 141 18.35 -10.70 -29.62
N GLU A 142 18.00 -11.99 -29.48
CA GLU A 142 16.99 -12.39 -28.51
C GLU A 142 17.47 -12.14 -27.09
N TYR A 143 18.76 -12.34 -26.84
CA TYR A 143 19.33 -12.13 -25.51
C TYR A 143 19.59 -10.67 -25.19
N GLN A 144 19.42 -9.77 -26.16
CA GLN A 144 19.61 -8.35 -25.93
C GLN A 144 18.33 -7.76 -25.31
N GLY A 145 18.26 -6.43 -25.25
CA GLY A 145 17.06 -5.79 -24.76
C GLY A 145 15.92 -5.85 -25.74
N LYS A 146 15.09 -6.90 -25.65
CA LYS A 146 14.06 -7.13 -26.64
C LYS A 146 12.72 -7.46 -25.99
N TYR A 147 12.74 -8.16 -24.85
CA TYR A 147 11.54 -8.62 -24.19
C TYR A 147 11.47 -8.10 -22.76
N ILE A 148 10.24 -7.99 -22.25
CA ILE A 148 10.00 -7.59 -20.87
C ILE A 148 9.26 -8.71 -20.16
N LEU A 149 8.73 -8.42 -18.97
CA LEU A 149 7.99 -9.40 -18.20
C LEU A 149 6.83 -8.72 -17.50
N LYS A 150 5.73 -9.46 -17.34
CA LYS A 150 4.49 -8.90 -16.82
C LYS A 150 3.77 -9.93 -15.98
N VAL A 151 3.15 -9.47 -14.89
CA VAL A 151 2.34 -10.34 -14.05
C VAL A 151 1.05 -10.71 -14.78
N CYS A 152 0.67 -11.98 -14.69
CA CYS A 152 -0.55 -12.45 -15.33
C CYS A 152 -1.76 -12.02 -14.49
N GLY A 153 -2.59 -11.15 -15.05
CA GLY A 153 -3.79 -10.71 -14.35
C GLY A 153 -3.74 -9.24 -13.95
N CYS A 154 -2.56 -8.77 -13.55
CA CYS A 154 -2.38 -7.39 -13.14
C CYS A 154 -1.65 -6.61 -14.22
N ASP A 155 -1.39 -5.33 -13.93
CA ASP A 155 -0.67 -4.44 -14.83
C ASP A 155 0.73 -4.12 -14.35
N GLU A 156 1.30 -4.97 -13.50
CA GLU A 156 2.65 -4.76 -12.99
C GLU A 156 3.68 -5.34 -13.94
N TYR A 157 4.80 -4.65 -14.10
CA TYR A 157 5.84 -5.04 -15.03
C TYR A 157 7.18 -5.10 -14.31
N PHE A 158 8.01 -6.07 -14.71
CA PHE A 158 9.35 -6.24 -14.15
C PHE A 158 10.35 -5.46 -15.00
N LEU A 159 10.21 -4.13 -14.97
CA LEU A 159 11.01 -3.27 -15.83
C LEU A 159 12.42 -3.05 -15.29
N GLU A 160 12.58 -2.99 -13.98
CA GLU A 160 13.88 -2.72 -13.38
C GLU A 160 14.64 -4.02 -13.12
N LYS A 161 15.97 -3.90 -13.04
CA LYS A 161 16.85 -5.05 -12.85
C LYS A 161 16.98 -5.48 -11.39
N TYR A 162 15.89 -5.39 -10.61
CA TYR A 162 15.92 -5.85 -9.24
C TYR A 162 15.82 -7.38 -9.19
N PRO A 163 16.33 -8.00 -8.13
CA PRO A 163 16.14 -9.45 -7.96
C PRO A 163 14.67 -9.82 -7.94
N LEU A 164 14.37 -11.02 -8.45
CA LEU A 164 12.98 -11.43 -8.58
C LEU A 164 12.28 -11.50 -7.24
N SER A 165 13.01 -11.78 -6.16
CA SER A 165 12.39 -11.87 -4.84
C SER A 165 11.93 -10.52 -4.34
N GLN A 166 12.56 -9.43 -4.81
CA GLN A 166 12.19 -8.10 -4.33
C GLN A 166 10.76 -7.72 -4.72
N TYR A 167 10.31 -8.18 -5.89
CA TYR A 167 8.96 -7.84 -6.34
C TYR A 167 7.91 -8.44 -5.40
N LYS A 168 6.94 -7.60 -5.01
CA LYS A 168 5.96 -8.02 -4.02
C LYS A 168 5.12 -9.20 -4.49
N TYR A 169 4.82 -9.26 -5.79
CA TYR A 169 4.05 -10.39 -6.32
C TYR A 169 4.81 -11.69 -6.16
N ILE A 170 6.09 -11.70 -6.54
CA ILE A 170 6.90 -12.90 -6.37
C ILE A 170 7.10 -13.20 -4.89
N ARG A 171 7.33 -12.15 -4.09
CA ARG A 171 7.50 -12.33 -2.65
C ARG A 171 6.23 -12.91 -2.01
N SER A 172 5.06 -12.42 -2.44
CA SER A 172 3.81 -12.93 -1.88
C SER A 172 3.54 -14.37 -2.31
N CYS A 173 4.01 -14.76 -3.50
CA CYS A 173 3.85 -16.14 -3.94
C CYS A 173 4.73 -17.08 -3.11
N ILE A 174 5.86 -16.59 -2.62
CA ILE A 174 6.70 -17.41 -1.74
C ILE A 174 6.02 -17.62 -0.40
N MET A 175 5.42 -16.55 0.15
CA MET A 175 4.71 -16.66 1.42
C MET A 175 3.53 -17.60 1.30
N LEU A 176 2.62 -17.32 0.36
CA LEU A 176 1.41 -18.12 0.20
C LEU A 176 1.70 -19.50 -0.40
N GLY A 177 2.87 -19.69 -1.00
CA GLY A 177 3.17 -20.94 -1.66
C GLY A 177 2.35 -21.12 -2.92
N ARG A 178 2.56 -20.26 -3.91
CA ARG A 178 1.78 -20.27 -5.14
C ARG A 178 2.72 -20.13 -6.33
N MET A 179 2.20 -20.46 -7.51
CA MET A 179 2.99 -20.41 -8.73
C MET A 179 3.04 -18.99 -9.27
N PRO A 180 4.22 -18.36 -9.35
CA PRO A 180 4.31 -17.04 -9.98
C PRO A 180 4.17 -17.12 -11.49
N ASN A 181 2.95 -16.89 -11.99
CA ASN A 181 2.68 -16.93 -13.42
C ASN A 181 2.98 -15.56 -14.02
N LEU A 182 3.92 -15.50 -14.95
CA LEU A 182 4.37 -14.25 -15.56
C LEU A 182 4.25 -14.37 -17.07
N MET A 183 3.51 -13.44 -17.68
CA MET A 183 3.36 -13.40 -19.13
C MET A 183 4.50 -12.62 -19.75
N LEU A 184 5.02 -13.13 -20.87
CA LEU A 184 6.15 -12.54 -21.56
C LEU A 184 5.66 -11.62 -22.67
N MET A 185 6.22 -10.42 -22.73
CA MET A 185 5.89 -9.44 -23.76
C MET A 185 7.20 -8.94 -24.39
N ALA A 186 7.06 -8.11 -25.41
CA ALA A 186 8.18 -7.43 -26.03
C ALA A 186 8.19 -5.97 -25.59
N LYS A 187 9.33 -5.32 -25.79
CA LYS A 187 9.45 -3.91 -25.43
C LYS A 187 8.51 -3.05 -26.25
N GLU A 188 8.33 -3.39 -27.53
CA GLU A 188 7.45 -2.60 -28.39
C GLU A 188 5.99 -2.78 -28.01
N SER A 189 5.62 -3.92 -27.46
CA SER A 189 4.23 -4.16 -27.08
C SER A 189 3.77 -3.22 -25.98
N LEU A 190 4.70 -2.78 -25.12
CA LEU A 190 4.40 -1.87 -24.03
C LEU A 190 4.71 -0.42 -24.36
N TYR A 191 5.83 -0.16 -25.04
CA TYR A 191 6.23 1.22 -25.33
C TYR A 191 5.29 1.89 -26.32
N SER A 192 4.63 1.11 -27.18
CA SER A 192 3.73 1.69 -28.18
C SER A 192 2.43 2.21 -27.61
N GLN A 193 2.23 2.11 -26.29
CA GLN A 193 1.02 2.61 -25.66
C GLN A 193 1.29 3.86 -24.82
N LEU A 194 2.47 4.45 -24.94
CA LEU A 194 2.85 5.65 -24.19
C LEU A 194 3.34 6.73 -25.14
N PRO A 195 2.61 7.82 -25.31
CA PRO A 195 3.06 8.89 -26.20
C PRO A 195 4.13 9.75 -25.52
N MET A 196 4.62 10.74 -26.27
CA MET A 196 5.64 11.67 -25.78
C MET A 196 4.94 12.98 -25.43
N ASP A 197 4.58 13.12 -24.15
CA ASP A 197 3.89 14.32 -23.68
C ASP A 197 4.90 15.44 -23.48
N CYS A 198 4.89 16.41 -24.38
CA CYS A 198 5.74 17.58 -24.22
C CYS A 198 5.20 18.47 -23.11
N PHE A 199 6.11 19.04 -22.33
CA PHE A 199 5.72 19.89 -21.20
C PHE A 199 4.98 21.13 -21.69
N THR A 200 3.70 21.23 -21.38
CA THR A 200 2.86 22.35 -21.78
C THR A 200 2.70 23.27 -20.57
N MET A 201 3.49 24.33 -20.54
CA MET A 201 3.39 25.29 -19.44
C MET A 201 2.15 26.16 -19.62
N PRO A 202 1.43 26.49 -18.55
CA PRO A 202 0.20 27.28 -18.68
C PRO A 202 0.47 28.73 -19.05
N SER A 203 -0.59 29.54 -19.07
CA SER A 203 -0.45 30.94 -19.45
C SER A 203 0.18 31.78 -18.34
N TYR A 204 -0.05 31.41 -17.08
CA TYR A 204 0.49 32.16 -15.95
C TYR A 204 1.93 31.77 -15.60
N SER A 205 2.67 31.20 -16.54
CA SER A 205 4.07 30.83 -16.34
C SER A 205 5.01 31.87 -16.94
N ARG A 206 4.65 33.14 -16.84
CA ARG A 206 5.43 34.21 -17.43
C ARG A 206 6.53 34.67 -16.47
N ARG A 207 7.55 35.32 -17.04
CA ARG A 207 8.66 35.83 -16.26
C ARG A 207 8.28 37.13 -15.54
N SER A 220 15.31 49.93 1.95
CA SER A 220 16.38 49.62 2.89
C SER A 220 16.48 48.12 3.13
N THR A 221 15.39 47.54 3.61
CA THR A 221 15.29 46.10 3.89
C THR A 221 16.41 45.64 4.82
N LYS A 222 16.30 46.07 6.07
CA LYS A 222 17.26 45.69 7.10
C LYS A 222 16.91 44.32 7.67
N SER A 223 17.72 43.85 8.61
CA SER A 223 17.54 42.54 9.20
C SER A 223 16.69 42.63 10.47
N LEU A 224 16.37 41.46 11.02
CA LEU A 224 15.56 41.39 12.23
C LEU A 224 16.40 41.60 13.49
N TRP A 225 17.65 41.16 13.47
CA TRP A 225 18.53 41.22 14.64
C TRP A 225 19.22 42.58 14.80
N VAL A 226 18.65 43.65 14.24
CA VAL A 226 19.19 45.00 14.41
C VAL A 226 18.07 45.93 14.86
N ILE A 227 16.91 45.36 15.18
CA ILE A 227 15.78 46.17 15.59
C ILE A 227 15.94 46.60 17.05
N ASN A 228 16.12 45.63 17.95
CA ASN A 228 16.31 45.89 19.38
C ASN A 228 15.13 46.65 19.97
N SER A 229 13.96 46.01 19.89
CA SER A 229 12.72 46.58 20.42
C SER A 229 11.85 45.44 20.93
N ALA A 230 10.71 45.80 21.50
CA ALA A 230 9.75 44.84 22.03
C ALA A 230 8.61 44.64 21.04
N LEU A 231 8.14 43.40 20.93
CA LEU A 231 7.06 43.08 20.02
C LEU A 231 5.75 43.72 20.51
N ARG A 232 5.14 44.54 19.66
CA ARG A 232 3.91 45.24 20.02
C ARG A 232 2.94 45.16 18.84
N ILE A 233 1.80 44.51 19.06
CA ILE A 233 0.77 44.36 18.06
C ILE A 233 -0.52 45.00 18.58
N LYS A 234 -1.17 45.78 17.74
CA LYS A 234 -2.39 46.49 18.10
C LYS A 234 -3.60 45.88 17.41
N ILE A 235 -4.67 45.69 18.16
CA ILE A 235 -5.96 45.28 17.62
C ILE A 235 -6.82 46.52 17.46
N LEU A 236 -7.25 46.79 16.22
CA LEU A 236 -8.03 48.01 15.95
C LEU A 236 -9.49 47.81 16.32
N CYS A 237 -10.22 47.06 15.51
CA CYS A 237 -11.64 46.84 15.73
C CYS A 237 -11.99 45.42 15.28
N ALA A 238 -13.29 45.17 15.13
CA ALA A 238 -13.77 43.87 14.70
C ALA A 238 -15.17 44.04 14.11
N THR A 239 -15.65 42.97 13.47
CA THR A 239 -16.98 42.93 12.87
C THR A 239 -17.73 41.72 13.40
N TYR A 240 -19.04 41.71 13.17
CA TYR A 240 -19.92 40.62 13.61
C TYR A 240 -19.81 40.37 15.11
N LYS A 250 -19.82 40.97 27.88
CA LYS A 250 -18.40 41.32 28.02
C LYS A 250 -17.52 40.28 27.34
N ILE A 251 -16.68 40.74 26.40
CA ILE A 251 -15.77 39.88 25.66
C ILE A 251 -14.41 40.57 25.59
N TYR A 252 -13.41 39.79 25.15
CA TYR A 252 -12.06 40.30 24.97
C TYR A 252 -11.34 39.37 23.99
N VAL A 253 -10.09 39.69 23.70
CA VAL A 253 -9.28 38.97 22.71
C VAL A 253 -8.06 38.40 23.40
N ARG A 254 -7.87 37.09 23.28
CA ARG A 254 -6.68 36.41 23.78
C ARG A 254 -5.63 36.36 22.67
N THR A 255 -4.50 37.02 22.90
CA THR A 255 -3.42 37.07 21.94
C THR A 255 -2.20 36.34 22.50
N GLY A 256 -1.58 35.51 21.69
CA GLY A 256 -0.41 34.77 22.14
C GLY A 256 0.55 34.52 20.99
N ILE A 257 1.84 34.52 21.31
CA ILE A 257 2.88 34.21 20.35
C ILE A 257 3.39 32.80 20.62
N TYR A 258 3.25 31.92 19.64
CA TYR A 258 3.57 30.51 19.80
C TYR A 258 4.53 30.07 18.71
N HIS A 259 5.25 28.98 19.00
CA HIS A 259 6.15 28.33 18.05
C HIS A 259 5.70 26.88 17.95
N GLY A 260 4.63 26.65 17.19
CA GLY A 260 4.03 25.33 17.10
C GLY A 260 2.96 25.13 18.16
N GLY A 261 3.36 24.61 19.32
CA GLY A 261 2.44 24.43 20.42
C GLY A 261 2.97 25.02 21.71
N GLU A 262 4.26 25.34 21.72
CA GLU A 262 4.93 25.94 22.88
C GLU A 262 4.80 27.45 22.82
N PRO A 263 4.43 28.11 23.92
CA PRO A 263 4.35 29.57 23.92
C PRO A 263 5.69 30.23 24.24
N LEU A 264 5.91 31.36 23.60
CA LEU A 264 7.15 32.12 23.78
C LEU A 264 7.08 33.05 24.99
N CYS A 265 5.91 33.59 25.29
CA CYS A 265 5.76 34.53 26.40
C CYS A 265 4.39 34.31 27.03
N ASP A 266 4.12 35.04 28.11
CA ASP A 266 2.83 34.93 28.79
C ASP A 266 1.72 35.48 27.90
N ASN A 267 0.56 34.85 27.97
CA ASN A 267 -0.58 35.21 27.13
C ASN A 267 -1.07 36.61 27.51
N VAL A 268 -0.88 37.56 26.61
CA VAL A 268 -1.28 38.95 26.83
C VAL A 268 -2.62 39.17 26.12
N ASN A 269 -3.62 39.61 26.87
CA ASN A 269 -4.95 39.86 26.34
C ASN A 269 -5.33 41.32 26.53
N THR A 270 -6.38 41.73 25.84
CA THR A 270 -6.86 43.11 25.88
C THR A 270 -7.94 43.27 26.95
N GLN A 271 -8.42 44.49 27.12
CA GLN A 271 -9.43 44.78 28.12
C GLN A 271 -10.77 44.13 27.74
N ARG A 272 -11.55 43.81 28.77
CA ARG A 272 -12.84 43.16 28.57
C ARG A 272 -13.87 44.22 28.19
N VAL A 273 -13.99 44.47 26.89
CA VAL A 273 -14.97 45.43 26.38
C VAL A 273 -16.33 44.74 26.29
N PRO A 274 -17.44 45.46 26.43
CA PRO A 274 -18.75 44.83 26.32
C PRO A 274 -19.05 44.39 24.90
N CYS A 275 -20.09 43.58 24.76
CA CYS A 275 -20.53 43.11 23.46
C CYS A 275 -21.12 44.28 22.66
N SER A 276 -21.27 44.04 21.36
CA SER A 276 -21.78 45.03 20.40
C SER A 276 -20.90 46.27 20.30
N ASN A 277 -19.72 46.26 20.93
CA ASN A 277 -18.76 47.35 20.85
C ASN A 277 -17.40 46.76 20.51
N PRO A 278 -17.20 46.35 19.25
CA PRO A 278 -15.93 45.71 18.85
C PRO A 278 -14.82 46.72 18.62
N ARG A 279 -14.47 47.46 19.68
CA ARG A 279 -13.42 48.47 19.62
C ARG A 279 -12.44 48.25 20.76
N TRP A 280 -11.15 48.39 20.48
CA TRP A 280 -10.12 48.22 21.49
C TRP A 280 -9.06 49.31 21.39
N ASN A 281 -8.36 49.36 20.26
CA ASN A 281 -7.28 50.32 20.02
C ASN A 281 -6.23 50.23 21.12
N GLU A 282 -5.64 49.04 21.25
CA GLU A 282 -4.67 48.74 22.29
C GLU A 282 -3.48 48.01 21.69
N TRP A 283 -2.29 48.58 21.85
CA TRP A 283 -1.05 47.92 21.44
C TRP A 283 -0.70 46.88 22.50
N LEU A 284 -0.98 45.61 22.22
CA LEU A 284 -0.65 44.53 23.14
C LEU A 284 0.86 44.38 23.25
N ASN A 285 1.41 44.70 24.42
CA ASN A 285 2.84 44.60 24.64
C ASN A 285 3.19 43.19 25.11
N TYR A 286 4.02 42.51 24.33
CA TYR A 286 4.43 41.14 24.64
C TYR A 286 5.82 41.13 25.26
N ASP A 287 6.10 40.06 26.00
CA ASP A 287 7.37 39.91 26.71
C ASP A 287 8.48 39.39 25.81
N ILE A 288 8.24 39.19 24.53
CA ILE A 288 9.24 38.66 23.61
C ILE A 288 10.02 39.80 23.00
N TYR A 289 11.33 39.60 22.87
CA TYR A 289 12.19 40.56 22.20
C TYR A 289 12.12 40.33 20.69
N ILE A 290 12.07 41.43 19.93
CA ILE A 290 11.88 41.31 18.48
C ILE A 290 13.01 40.54 17.80
N PRO A 291 14.29 40.78 18.10
CA PRO A 291 15.35 39.93 17.51
C PRO A 291 15.31 38.48 17.99
N ASP A 292 14.44 38.12 18.94
CA ASP A 292 14.38 36.76 19.44
C ASP A 292 13.22 35.96 18.85
N LEU A 293 12.47 36.52 17.93
CA LEU A 293 11.38 35.79 17.30
C LEU A 293 11.95 34.76 16.33
N PRO A 294 11.67 33.47 16.51
CA PRO A 294 12.20 32.46 15.58
C PRO A 294 11.54 32.60 14.21
N ARG A 295 12.08 31.82 13.26
CA ARG A 295 11.59 31.90 11.89
C ARG A 295 10.16 31.39 11.78
N ALA A 296 9.76 30.44 12.62
CA ALA A 296 8.41 29.88 12.62
C ALA A 296 7.54 30.50 13.71
N ALA A 297 7.77 31.75 14.06
CA ALA A 297 6.98 32.42 15.08
C ALA A 297 5.57 32.65 14.57
N ARG A 298 4.58 32.34 15.41
CA ARG A 298 3.18 32.44 15.04
C ARG A 298 2.42 33.28 16.05
N LEU A 299 1.40 33.98 15.57
CA LEU A 299 0.50 34.75 16.42
C LEU A 299 -0.83 34.02 16.52
N CYS A 300 -1.31 33.83 17.75
CA CYS A 300 -2.54 33.08 18.01
C CYS A 300 -3.57 34.03 18.63
N LEU A 301 -4.70 34.18 17.95
CA LEU A 301 -5.77 35.06 18.40
C LEU A 301 -7.04 34.27 18.66
N SER A 302 -7.82 34.73 19.64
CA SER A 302 -9.10 34.12 19.95
C SER A 302 -9.94 35.11 20.74
N ILE A 303 -11.25 34.96 20.64
CA ILE A 303 -12.21 35.82 21.33
C ILE A 303 -12.90 35.02 22.42
N CYS A 304 -12.88 35.52 23.65
CA CYS A 304 -13.48 34.86 24.78
C CYS A 304 -14.57 35.73 25.38
N SER A 305 -15.60 35.08 25.91
CA SER A 305 -16.74 35.76 26.51
C SER A 305 -16.67 35.69 28.02
N VAL A 306 -17.08 36.77 28.68
CA VAL A 306 -17.08 36.87 30.14
C VAL A 306 -18.52 37.09 30.59
N LYS A 307 -19.04 36.17 31.39
CA LYS A 307 -20.41 36.27 31.89
C LYS A 307 -20.44 36.43 33.40
N LYS A 313 -16.10 33.02 41.41
CA LYS A 313 -16.39 32.27 40.19
C LYS A 313 -15.67 32.87 39.00
N GLU A 314 -15.79 32.21 37.85
CA GLU A 314 -15.12 32.66 36.63
C GLU A 314 -15.90 32.17 35.41
N GLU A 315 -16.02 33.03 34.41
CA GLU A 315 -16.73 32.71 33.17
C GLU A 315 -15.82 33.06 32.00
N HIS A 316 -15.16 32.05 31.43
CA HIS A 316 -14.28 32.23 30.29
C HIS A 316 -14.54 31.10 29.29
N CYS A 317 -15.08 31.46 28.12
CA CYS A 317 -15.38 30.48 27.08
C CYS A 317 -15.04 31.10 25.73
N PRO A 318 -14.25 30.43 24.89
CA PRO A 318 -13.92 30.97 23.58
C PRO A 318 -15.08 30.81 22.60
N LEU A 319 -14.95 31.49 21.46
CA LEU A 319 -15.99 31.43 20.43
C LEU A 319 -15.36 31.35 19.04
N ALA A 320 -14.46 32.28 18.73
CA ALA A 320 -13.79 32.31 17.45
C ALA A 320 -12.29 32.49 17.67
N TRP A 321 -11.51 31.90 16.77
CA TRP A 321 -10.06 31.91 16.89
C TRP A 321 -9.43 32.16 15.53
N GLY A 322 -8.20 32.65 15.55
CA GLY A 322 -7.46 32.91 14.33
C GLY A 322 -5.97 32.81 14.56
N ASN A 323 -5.24 32.48 13.51
CA ASN A 323 -3.79 32.30 13.58
C ASN A 323 -3.13 32.98 12.40
N ILE A 324 -2.08 33.75 12.67
CA ILE A 324 -1.28 34.42 11.65
C ILE A 324 0.19 34.24 12.00
N ASN A 325 0.99 33.83 11.02
CA ASN A 325 2.43 33.70 11.22
C ASN A 325 3.09 35.07 11.15
N LEU A 326 4.02 35.31 12.07
CA LEU A 326 4.66 36.62 12.17
C LEU A 326 5.54 36.93 10.96
N PHE A 327 5.97 35.92 10.22
CA PHE A 327 6.73 36.11 8.99
C PHE A 327 5.97 35.48 7.83
N ASP A 328 5.99 36.15 6.68
CA ASP A 328 5.33 35.63 5.49
C ASP A 328 6.31 34.71 4.75
N TYR A 329 5.95 34.33 3.52
CA TYR A 329 6.75 33.35 2.77
C TYR A 329 8.05 33.93 2.23
N THR A 330 8.24 35.25 2.28
CA THR A 330 9.47 35.88 1.82
C THR A 330 10.39 36.28 2.96
N ASP A 331 10.23 35.65 4.13
CA ASP A 331 11.09 35.85 5.30
C ASP A 331 11.08 37.30 5.81
N THR A 332 10.04 38.06 5.49
CA THR A 332 9.94 39.44 5.95
C THR A 332 8.94 39.54 7.10
N LEU A 333 9.23 40.45 8.02
CA LEU A 333 8.36 40.65 9.17
C LEU A 333 7.07 41.35 8.76
N VAL A 334 5.99 41.01 9.45
CA VAL A 334 4.69 41.59 9.13
C VAL A 334 4.65 43.04 9.60
N SER A 335 4.00 43.90 8.82
CA SER A 335 3.88 45.31 9.15
C SER A 335 2.61 45.88 8.50
N GLY A 336 2.06 46.90 9.12
CA GLY A 336 0.86 47.54 8.60
C GLY A 336 -0.41 46.97 9.19
N LYS A 337 -1.52 47.37 8.57
CA LYS A 337 -2.82 46.87 8.99
C LYS A 337 -3.13 45.54 8.31
N MET A 338 -4.04 44.79 8.92
CA MET A 338 -4.40 43.47 8.41
C MET A 338 -5.80 43.11 8.89
N ALA A 339 -6.55 42.42 8.05
CA ALA A 339 -7.90 41.96 8.36
C ALA A 339 -7.90 40.44 8.43
N LEU A 340 -8.09 39.91 9.63
CA LEU A 340 -8.08 38.47 9.86
C LEU A 340 -9.51 37.99 10.09
N ASN A 341 -9.91 36.95 9.36
CA ASN A 341 -11.21 36.33 9.52
C ASN A 341 -11.05 35.08 10.39
N LEU A 342 -11.80 35.01 11.47
CA LEU A 342 -11.61 33.96 12.46
C LEU A 342 -12.37 32.70 12.08
N TRP A 343 -12.02 31.59 12.76
CA TRP A 343 -12.57 30.27 12.51
C TRP A 343 -13.46 29.83 13.68
N PRO A 344 -14.46 29.00 13.42
CA PRO A 344 -15.27 28.45 14.52
C PRO A 344 -14.48 27.43 15.32
N VAL A 345 -14.74 27.42 16.62
CA VAL A 345 -14.06 26.49 17.54
C VAL A 345 -14.57 25.08 17.28
N PRO A 346 -13.72 24.05 17.46
CA PRO A 346 -14.19 22.67 17.24
C PRO A 346 -15.19 22.22 18.29
N HIS A 347 -15.58 20.94 18.22
CA HIS A 347 -16.54 20.40 19.18
C HIS A 347 -15.94 20.33 20.58
N GLY A 348 -14.68 19.93 20.68
CA GLY A 348 -14.03 19.81 21.97
C GLY A 348 -12.74 20.61 22.08
N LEU A 349 -12.84 21.82 22.63
CA LEU A 349 -11.69 22.69 22.83
C LEU A 349 -11.59 23.02 24.32
N GLU A 350 -10.40 22.85 24.87
CA GLU A 350 -10.17 23.07 26.31
C GLU A 350 -9.71 24.50 26.58
N ASP A 351 -8.49 24.83 26.17
CA ASP A 351 -7.93 26.15 26.44
C ASP A 351 -8.68 27.21 25.65
N LEU A 352 -8.67 28.44 26.18
CA LEU A 352 -9.33 29.56 25.52
C LEU A 352 -8.69 29.84 24.16
N LEU A 353 -7.37 29.89 24.12
CA LEU A 353 -6.65 30.13 22.88
C LEU A 353 -6.24 28.81 22.23
N ASN A 354 -6.35 28.76 20.90
CA ASN A 354 -6.02 27.56 20.15
C ASN A 354 -4.66 27.71 19.49
N PRO A 355 -3.60 27.14 20.06
CA PRO A 355 -2.28 27.27 19.43
C PRO A 355 -2.12 26.46 18.16
N ILE A 356 -2.76 25.28 18.10
CA ILE A 356 -2.68 24.43 16.91
C ILE A 356 -3.64 24.95 15.86
N GLY A 357 -3.32 26.10 15.27
CA GLY A 357 -4.17 26.74 14.29
C GLY A 357 -3.80 26.36 12.87
N VAL A 358 -4.31 27.15 11.93
CA VAL A 358 -4.07 26.91 10.50
C VAL A 358 -3.20 27.98 9.85
N THR A 359 -2.84 29.03 10.59
CA THR A 359 -1.99 30.11 10.07
C THR A 359 -2.58 30.72 8.80
N GLY A 360 -3.88 31.00 8.83
CA GLY A 360 -4.55 31.57 7.69
C GLY A 360 -5.87 32.19 8.08
N SER A 361 -6.39 33.02 7.18
CA SER A 361 -7.67 33.69 7.40
C SER A 361 -8.82 32.86 6.81
N ASN A 362 -10.00 33.04 7.40
CA ASN A 362 -11.16 32.29 6.97
C ASN A 362 -11.69 32.84 5.65
N PRO A 363 -11.81 32.02 4.61
CA PRO A 363 -12.33 32.53 3.33
C PRO A 363 -13.84 32.46 3.22
N ASN A 364 -14.53 32.60 4.36
CA ASN A 364 -15.98 32.58 4.39
C ASN A 364 -16.59 33.97 4.18
N LYS A 365 -15.80 35.04 4.38
CA LYS A 365 -16.21 36.44 4.19
C LYS A 365 -17.54 36.76 4.87
N GLU A 366 -17.97 35.93 5.82
CA GLU A 366 -19.17 36.22 6.60
C GLU A 366 -18.98 35.96 8.09
N THR A 367 -17.83 35.45 8.51
CA THR A 367 -17.53 35.23 9.90
C THR A 367 -16.98 36.52 10.52
N PRO A 368 -16.90 36.58 11.85
CA PRO A 368 -16.33 37.79 12.49
C PRO A 368 -14.89 38.04 12.02
N CYS A 369 -14.65 39.26 11.57
CA CYS A 369 -13.36 39.68 11.04
C CYS A 369 -12.69 40.62 12.04
N LEU A 370 -11.54 40.21 12.57
CA LEU A 370 -10.78 41.01 13.52
C LEU A 370 -9.69 41.78 12.78
N GLU A 371 -9.66 43.10 12.97
CA GLU A 371 -8.69 43.96 12.33
C GLU A 371 -7.55 44.27 13.29
N LEU A 372 -6.33 44.28 12.76
CA LEU A 372 -5.14 44.51 13.56
C LEU A 372 -4.25 45.54 12.87
N GLU A 373 -3.18 45.92 13.56
CA GLU A 373 -2.17 46.81 13.00
C GLU A 373 -0.83 46.47 13.66
N PHE A 374 0.16 46.15 12.83
CA PHE A 374 1.47 45.71 13.30
C PHE A 374 2.44 46.89 13.34
N ASP A 375 3.58 46.66 13.98
CA ASP A 375 4.59 47.70 14.10
C ASP A 375 5.20 48.02 12.73
N TRP A 376 5.63 49.26 12.57
CA TRP A 376 6.09 49.74 11.26
C TRP A 376 7.59 49.58 11.07
N PHE A 377 8.39 50.21 11.95
CA PHE A 377 9.84 50.28 11.91
C PHE A 377 10.37 51.10 10.74
N SER A 378 9.50 51.64 9.88
CA SER A 378 9.88 52.48 8.74
C SER A 378 10.85 51.76 7.81
N SER A 379 10.80 50.44 7.77
CA SER A 379 11.69 49.66 6.93
C SER A 379 11.12 48.25 6.78
N VAL A 380 11.61 47.54 5.78
CA VAL A 380 11.17 46.17 5.50
C VAL A 380 12.05 45.24 6.34
N VAL A 381 11.54 44.87 7.52
CA VAL A 381 12.30 43.99 8.40
C VAL A 381 12.23 42.57 7.86
N LYS A 382 13.39 42.01 7.51
CA LYS A 382 13.49 40.69 6.93
C LYS A 382 14.31 39.78 7.84
N PHE A 383 13.89 38.53 7.96
CA PHE A 383 14.60 37.58 8.79
C PHE A 383 16.00 37.34 8.21
N PRO A 384 17.03 37.31 9.06
CA PRO A 384 18.40 37.18 8.52
C PRO A 384 18.65 35.80 7.92
N ASP A 385 19.54 35.78 6.93
CA ASP A 385 19.91 34.54 6.27
C ASP A 385 20.84 33.72 7.18
N MET A 386 21.21 32.53 6.71
CA MET A 386 22.08 31.66 7.49
C MET A 386 23.46 32.27 7.70
N SER A 387 23.91 33.13 6.78
CA SER A 387 25.21 33.76 6.93
C SER A 387 25.29 34.60 8.19
N VAL A 388 24.26 35.40 8.47
CA VAL A 388 24.25 36.19 9.68
C VAL A 388 23.95 35.33 10.90
N ILE A 389 23.16 34.27 10.74
CA ILE A 389 22.83 33.39 11.86
C ILE A 389 24.07 32.67 12.36
N GLU A 390 24.90 32.15 11.44
CA GLU A 390 26.15 31.53 11.84
C GLU A 390 27.20 32.56 12.24
N GLU A 391 27.07 33.81 11.77
CA GLU A 391 27.97 34.86 12.24
C GLU A 391 27.65 35.26 13.67
N HIS A 392 26.37 35.48 13.96
CA HIS A 392 25.97 35.75 15.34
C HIS A 392 26.14 34.55 16.24
N ALA A 393 26.17 33.34 15.67
CA ALA A 393 26.44 32.14 16.48
C ALA A 393 27.82 32.21 17.12
N ASN A 394 28.77 32.90 16.48
CA ASN A 394 30.07 33.10 17.10
C ASN A 394 29.98 34.05 18.28
N TRP A 395 29.13 35.08 18.18
CA TRP A 395 29.01 36.06 19.26
C TRP A 395 28.51 35.44 20.56
N SER A 396 27.78 34.33 20.46
CA SER A 396 27.30 33.67 21.67
C SER A 396 28.46 33.09 22.48
N VAL A 397 29.44 32.50 21.80
CA VAL A 397 30.61 31.97 22.49
C VAL A 397 31.65 33.04 22.75
N SER A 398 31.68 34.11 21.96
CA SER A 398 32.66 35.17 22.16
C SER A 398 32.25 36.12 23.28
N ARG A 399 30.95 36.26 23.54
CA ARG A 399 30.48 37.11 24.64
C ARG A 399 30.69 36.47 26.00
N GLU A 400 31.06 35.19 26.04
CA GLU A 400 31.29 34.46 27.28
C GLU A 400 30.06 34.49 28.19
N LEU A 420 32.05 14.72 31.37
CA LEU A 420 32.32 13.85 30.23
C LEU A 420 32.47 12.41 30.70
N ARG A 421 32.13 12.15 31.97
CA ARG A 421 32.22 10.82 32.53
C ARG A 421 31.22 9.89 31.86
N GLU A 422 31.49 8.58 31.97
CA GLU A 422 30.69 7.59 31.25
C GLU A 422 29.31 7.41 31.86
N ASN A 423 29.17 7.67 33.17
CA ASN A 423 27.88 7.50 33.82
C ASN A 423 26.85 8.54 33.37
N ASP A 424 27.29 9.65 32.79
CA ASP A 424 26.38 10.67 32.29
C ASP A 424 25.92 10.39 30.86
N LYS A 425 26.81 9.86 30.02
CA LYS A 425 26.46 9.61 28.62
C LYS A 425 25.48 8.47 28.47
N GLU A 426 25.44 7.53 29.42
CA GLU A 426 24.47 6.44 29.36
C GLU A 426 23.05 6.90 29.62
N GLN A 427 22.86 8.11 30.16
CA GLN A 427 21.52 8.61 30.40
C GLN A 427 20.89 9.18 29.13
N LEU A 428 21.69 9.82 28.28
CA LEU A 428 21.17 10.31 27.00
C LEU A 428 20.68 9.16 26.12
N LYS A 429 21.32 7.99 26.23
CA LYS A 429 20.85 6.82 25.50
C LYS A 429 19.51 6.34 26.04
N ALA A 430 19.29 6.47 27.36
CA ALA A 430 18.02 6.08 27.95
C ALA A 430 16.90 7.05 27.62
N ILE A 431 17.23 8.25 27.14
CA ILE A 431 16.20 9.22 26.77
C ILE A 431 15.72 8.98 25.34
N SER A 432 16.64 8.61 24.44
CA SER A 432 16.27 8.36 23.05
C SER A 432 15.38 7.13 22.92
N THR A 433 15.51 6.17 23.84
CA THR A 433 14.70 4.96 23.80
C THR A 433 13.28 5.18 24.29
N ARG A 434 12.96 6.36 24.83
CA ARG A 434 11.62 6.64 25.30
C ARG A 434 10.72 7.06 24.14
N ASP A 435 9.43 6.79 24.29
CA ASP A 435 8.46 7.15 23.27
C ASP A 435 8.37 8.67 23.15
N PRO A 436 7.97 9.18 21.97
CA PRO A 436 7.90 10.64 21.79
C PRO A 436 6.87 11.32 22.68
N LEU A 437 5.98 10.58 23.33
CA LEU A 437 5.00 11.15 24.24
C LEU A 437 5.45 11.09 25.70
N SER A 438 6.59 10.47 25.99
CA SER A 438 7.11 10.42 27.34
C SER A 438 7.52 11.83 27.77
N GLU A 439 6.94 12.30 28.88
CA GLU A 439 7.18 13.66 29.35
C GLU A 439 8.63 13.82 29.77
N ILE A 440 9.35 14.73 29.11
CA ILE A 440 10.72 15.05 29.45
C ILE A 440 10.71 16.13 30.52
N THR A 441 11.22 15.80 31.71
CA THR A 441 11.21 16.72 32.82
C THR A 441 12.16 17.89 32.55
N GLU A 442 11.99 18.96 33.34
CA GLU A 442 12.82 20.14 33.17
C GLU A 442 14.28 19.87 33.50
N GLN A 443 14.53 18.95 34.44
CA GLN A 443 15.91 18.57 34.74
C GLN A 443 16.56 17.87 33.54
N GLU A 444 15.79 17.09 32.80
CA GLU A 444 16.31 16.46 31.58
C GLU A 444 16.44 17.42 30.43
N LYS A 445 15.75 18.57 30.47
CA LYS A 445 15.88 19.57 29.42
C LYS A 445 17.30 20.13 29.39
N ASP A 446 17.77 20.64 30.52
CA ASP A 446 19.10 21.23 30.58
C ASP A 446 20.21 20.19 30.42
N PHE A 447 19.92 18.92 30.71
CA PHE A 447 20.92 17.88 30.53
C PHE A 447 21.27 17.71 29.05
N LEU A 448 20.25 17.72 28.19
CA LEU A 448 20.51 17.59 26.75
C LEU A 448 21.08 18.87 26.16
N TRP A 449 20.71 20.02 26.72
CA TRP A 449 21.21 21.29 26.19
C TRP A 449 22.65 21.53 26.61
N SER A 450 23.01 21.18 27.84
CA SER A 450 24.39 21.31 28.28
C SER A 450 25.31 20.31 27.58
N HIS A 451 24.75 19.23 27.05
CA HIS A 451 25.50 18.23 26.29
C HIS A 451 25.07 18.21 24.82
N ARG A 452 24.79 19.40 24.27
CA ARG A 452 24.31 19.47 22.90
C ARG A 452 25.39 19.10 21.89
N HIS A 453 26.66 19.40 22.20
CA HIS A 453 27.75 19.07 21.31
C HIS A 453 28.15 17.60 21.36
N TYR A 454 27.60 16.84 22.30
CA TYR A 454 27.83 15.41 22.37
C TYR A 454 26.76 14.60 21.62
N CYS A 455 25.57 15.16 21.44
CA CYS A 455 24.46 14.43 20.84
C CYS A 455 24.73 13.99 19.40
N VAL A 456 25.81 14.47 18.79
CA VAL A 456 26.15 14.00 17.45
C VAL A 456 26.57 12.53 17.45
N THR A 457 26.97 12.01 18.61
CA THR A 457 27.31 10.59 18.70
C THR A 457 26.05 9.72 18.61
N ILE A 458 24.96 10.16 19.25
CA ILE A 458 23.69 9.47 19.19
C ILE A 458 22.69 10.34 18.45
N PRO A 459 22.64 10.30 17.11
CA PRO A 459 21.76 11.21 16.37
C PRO A 459 20.27 10.92 16.53
N GLU A 460 19.91 9.77 17.12
CA GLU A 460 18.49 9.48 17.34
C GLU A 460 17.88 10.32 18.46
N ILE A 461 18.71 10.98 19.28
CA ILE A 461 18.21 11.84 20.34
C ILE A 461 17.88 13.24 19.84
N LEU A 462 18.05 13.50 18.55
CA LEU A 462 17.75 14.83 18.00
C LEU A 462 16.33 15.30 18.27
N PRO A 463 15.28 14.49 18.09
CA PRO A 463 13.94 14.97 18.47
C PRO A 463 13.81 15.29 19.94
N LYS A 464 14.57 14.61 20.81
CA LYS A 464 14.56 14.95 22.22
C LYS A 464 15.33 16.25 22.49
N LEU A 465 16.39 16.51 21.73
CA LEU A 465 17.19 17.72 21.93
C LEU A 465 16.44 18.96 21.47
N LEU A 466 15.63 18.84 20.41
CA LEU A 466 14.93 20.00 19.89
C LEU A 466 13.88 20.52 20.86
N LEU A 467 13.32 19.64 21.69
CA LEU A 467 12.37 20.06 22.71
C LEU A 467 13.05 20.67 23.94
N SER A 468 14.38 20.65 24.00
CA SER A 468 15.12 21.19 25.12
C SER A 468 15.74 22.55 24.81
N VAL A 469 15.19 23.26 23.83
CA VAL A 469 15.75 24.53 23.37
C VAL A 469 14.68 25.61 23.52
N LYS A 470 15.03 26.70 24.19
CA LYS A 470 14.17 27.87 24.27
C LYS A 470 14.20 28.59 22.94
N TRP A 471 13.22 28.30 22.07
CA TRP A 471 13.16 28.94 20.76
C TRP A 471 12.92 30.44 20.85
N ASN A 472 12.54 30.96 22.01
CA ASN A 472 12.41 32.40 22.23
C ASN A 472 13.73 33.08 22.52
N SER A 473 14.85 32.42 22.27
CA SER A 473 16.19 32.97 22.50
C SER A 473 16.93 33.04 21.17
N ARG A 474 17.32 34.24 20.77
CA ARG A 474 18.06 34.42 19.53
C ARG A 474 19.43 33.77 19.59
N ASP A 475 19.93 33.45 20.79
CA ASP A 475 21.21 32.78 20.94
C ASP A 475 21.09 31.26 20.83
N GLU A 476 20.03 30.68 21.41
CA GLU A 476 19.86 29.24 21.34
C GLU A 476 19.36 28.79 19.97
N VAL A 477 18.53 29.61 19.31
CA VAL A 477 18.06 29.27 17.97
C VAL A 477 19.18 29.40 16.96
N ALA A 478 20.21 30.19 17.25
CA ALA A 478 21.34 30.30 16.34
C ALA A 478 22.32 29.15 16.53
N GLN A 479 22.51 28.69 17.77
CA GLN A 479 23.39 27.55 18.01
C GLN A 479 22.75 26.24 17.55
N MET A 480 21.42 26.13 17.65
CA MET A 480 20.76 24.91 17.20
C MET A 480 20.74 24.82 15.68
N TYR A 481 20.71 25.96 14.99
CA TYR A 481 20.75 25.94 13.52
C TYR A 481 22.07 25.34 13.01
N CYS A 482 23.18 25.69 13.67
CA CYS A 482 24.48 25.18 13.23
C CYS A 482 24.62 23.69 13.52
N LEU A 483 23.95 23.19 14.56
CA LEU A 483 24.02 21.76 14.85
C LEU A 483 23.21 20.95 13.84
N VAL A 484 22.06 21.48 13.41
CA VAL A 484 21.24 20.79 12.42
C VAL A 484 21.91 20.84 11.05
N LYS A 485 22.69 21.90 10.78
CA LYS A 485 23.34 22.03 9.48
C LYS A 485 24.31 20.87 9.24
N ASP A 486 25.01 20.42 10.28
CA ASP A 486 25.98 19.34 10.19
C ASP A 486 25.54 18.14 11.02
N TRP A 487 24.23 17.87 11.04
CA TRP A 487 23.77 16.75 11.85
C TRP A 487 23.85 15.45 11.05
N PRO A 488 24.24 14.35 11.70
CA PRO A 488 24.34 13.08 11.00
C PRO A 488 22.98 12.64 10.50
N PRO A 489 22.93 11.84 9.44
CA PRO A 489 21.63 11.36 8.93
C PRO A 489 21.01 10.34 9.86
N ILE A 490 19.68 10.34 9.89
CA ILE A 490 18.91 9.41 10.71
C ILE A 490 17.99 8.60 9.80
N LYS A 491 17.32 7.62 10.39
CA LYS A 491 16.43 6.76 9.64
C LYS A 491 15.22 7.54 9.13
N PRO A 492 14.67 7.15 7.97
CA PRO A 492 13.50 7.88 7.44
C PRO A 492 12.30 7.80 8.37
N GLU A 493 12.08 6.67 9.04
CA GLU A 493 10.98 6.56 9.98
C GLU A 493 11.17 7.47 11.19
N GLN A 494 12.43 7.75 11.56
CA GLN A 494 12.69 8.67 12.65
C GLN A 494 12.65 10.12 12.19
N ALA A 495 12.94 10.37 10.91
CA ALA A 495 12.89 11.74 10.40
C ALA A 495 11.46 12.24 10.24
N MET A 496 10.48 11.34 10.10
CA MET A 496 9.10 11.77 10.00
C MET A 496 8.61 12.42 11.29
N GLU A 497 9.20 12.04 12.43
CA GLU A 497 8.81 12.64 13.70
C GLU A 497 9.09 14.13 13.71
N LEU A 498 10.11 14.58 12.98
CA LEU A 498 10.46 16.00 12.90
C LEU A 498 9.60 16.76 11.90
N LEU A 499 8.55 16.15 11.36
CA LEU A 499 7.66 16.81 10.41
C LEU A 499 6.24 16.96 10.92
N ASP A 500 5.99 16.69 12.20
CA ASP A 500 4.66 16.83 12.76
C ASP A 500 4.50 18.24 13.33
N CYS A 501 3.52 18.45 14.20
CA CYS A 501 3.24 19.77 14.74
C CYS A 501 4.26 20.24 15.77
N ASN A 502 5.04 19.32 16.35
CA ASN A 502 5.97 19.68 17.40
C ASN A 502 7.21 20.39 16.88
N TYR A 503 7.50 20.29 15.58
CA TYR A 503 8.73 20.83 14.99
C TYR A 503 8.36 21.71 13.81
N PRO A 504 7.93 22.94 14.05
CA PRO A 504 7.54 23.85 12.96
C PRO A 504 8.68 24.63 12.35
N ASP A 505 9.90 24.50 12.86
CA ASP A 505 11.02 25.29 12.35
C ASP A 505 11.38 24.83 10.94
N PRO A 506 11.60 25.77 10.01
CA PRO A 506 11.96 25.35 8.64
C PRO A 506 13.32 24.68 8.55
N MET A 507 14.29 25.08 9.37
CA MET A 507 15.59 24.41 9.34
C MET A 507 15.50 22.99 9.88
N VAL A 508 14.60 22.74 10.83
CA VAL A 508 14.39 21.38 11.32
C VAL A 508 13.67 20.54 10.27
N ARG A 509 12.63 21.11 9.65
CA ARG A 509 11.88 20.37 8.64
C ARG A 509 12.71 20.14 7.38
N GLY A 510 13.59 21.08 7.03
CA GLY A 510 14.47 20.88 5.90
C GLY A 510 15.43 19.72 6.09
N PHE A 511 15.81 19.45 7.35
CA PHE A 511 16.69 18.33 7.63
C PHE A 511 15.96 17.00 7.42
N ALA A 512 14.70 16.92 7.84
CA ALA A 512 13.94 15.68 7.71
C ALA A 512 13.68 15.35 6.25
N VAL A 513 13.44 16.37 5.42
CA VAL A 513 13.24 16.12 4.00
C VAL A 513 14.51 15.59 3.34
N ARG A 514 15.66 16.17 3.70
CA ARG A 514 16.93 15.69 3.16
C ARG A 514 17.27 14.28 3.65
N CYS A 515 16.64 13.82 4.73
CA CYS A 515 16.79 12.43 5.16
C CYS A 515 15.82 11.50 4.45
N LEU A 516 14.79 12.03 3.79
CA LEU A 516 13.85 11.22 3.03
C LEU A 516 14.33 11.02 1.59
N GLU A 517 14.68 12.12 0.91
CA GLU A 517 15.14 12.03 -0.47
C GLU A 517 16.50 11.36 -0.60
N LYS A 518 17.13 10.98 0.52
CA LYS A 518 18.40 10.27 0.50
C LYS A 518 18.34 8.88 1.11
N TYR A 519 17.29 8.55 1.87
CA TYR A 519 17.21 7.25 2.52
C TYR A 519 15.84 6.60 2.50
N LEU A 520 14.79 7.30 2.07
CA LEU A 520 13.45 6.73 2.04
C LEU A 520 13.20 6.09 0.68
N THR A 521 12.87 4.80 0.69
CA THR A 521 12.59 4.09 -0.55
C THR A 521 11.15 4.34 -1.00
N ASP A 522 10.90 4.06 -2.28
CA ASP A 522 9.56 4.23 -2.82
C ASP A 522 8.56 3.25 -2.24
N ASP A 523 9.03 2.12 -1.70
CA ASP A 523 8.13 1.19 -1.02
C ASP A 523 7.63 1.78 0.30
N LYS A 524 8.56 2.26 1.13
CA LYS A 524 8.16 2.87 2.40
C LYS A 524 7.45 4.20 2.18
N LEU A 525 7.78 4.90 1.09
CA LEU A 525 7.11 6.15 0.79
C LEU A 525 5.63 5.94 0.48
N SER A 526 5.32 4.98 -0.40
CA SER A 526 3.93 4.61 -0.63
C SER A 526 3.29 4.01 0.61
N GLN A 527 4.10 3.43 1.50
CA GLN A 527 3.56 2.93 2.76
C GLN A 527 3.19 4.07 3.70
N TYR A 528 4.04 5.08 3.81
CA TYR A 528 3.85 6.20 4.72
C TYR A 528 3.28 7.44 4.01
N LEU A 529 2.68 7.26 2.83
CA LEU A 529 2.22 8.41 2.06
C LEU A 529 1.04 9.12 2.74
N ILE A 530 0.20 8.37 3.45
CA ILE A 530 -0.97 8.98 4.08
C ILE A 530 -0.55 9.94 5.19
N GLN A 531 0.48 9.57 5.97
CA GLN A 531 0.95 10.46 7.01
C GLN A 531 1.78 11.61 6.45
N LEU A 532 2.48 11.40 5.33
CA LEU A 532 3.27 12.47 4.74
C LEU A 532 2.36 13.50 4.06
N VAL A 533 1.29 13.05 3.42
CA VAL A 533 0.30 13.98 2.88
C VAL A 533 -0.38 14.73 4.02
N GLN A 534 -0.56 14.09 5.16
CA GLN A 534 -1.31 14.70 6.25
C GLN A 534 -0.53 15.84 6.90
N VAL A 535 0.80 15.71 6.99
CA VAL A 535 1.62 16.75 7.62
C VAL A 535 1.88 17.92 6.71
N LEU A 536 1.31 17.93 5.50
CA LEU A 536 1.39 19.12 4.66
C LEU A 536 0.65 20.30 5.28
N LYS A 537 -0.38 20.01 6.09
CA LYS A 537 -1.13 21.08 6.73
C LYS A 537 -0.29 21.82 7.76
N TYR A 538 0.69 21.13 8.36
CA TYR A 538 1.56 21.76 9.35
C TYR A 538 2.55 22.73 8.73
N GLU A 539 2.75 22.69 7.42
CA GLU A 539 3.61 23.66 6.77
C GLU A 539 2.94 25.03 6.74
N GLN A 540 3.66 26.04 7.24
CA GLN A 540 3.11 27.38 7.34
C GLN A 540 3.08 28.12 6.00
N TYR A 541 3.69 27.57 4.96
CA TYR A 541 3.72 28.21 3.65
C TYR A 541 3.33 27.19 2.58
N LEU A 542 2.93 27.72 1.42
CA LEU A 542 2.56 26.85 0.30
C LEU A 542 3.80 26.17 -0.29
N ASP A 543 4.74 26.96 -0.77
CA ASP A 543 5.96 26.42 -1.37
C ASP A 543 6.98 26.13 -0.27
N ASN A 544 7.36 24.86 -0.14
CA ASN A 544 8.33 24.44 0.85
C ASN A 544 9.05 23.19 0.35
N LEU A 545 9.96 22.67 1.18
CA LEU A 545 10.76 21.52 0.77
C LEU A 545 9.93 20.23 0.78
N LEU A 546 9.03 20.08 1.74
CA LEU A 546 8.23 18.85 1.82
C LEU A 546 7.29 18.73 0.64
N VAL A 547 6.74 19.85 0.16
CA VAL A 547 5.85 19.79 -0.99
C VAL A 547 6.63 19.51 -2.27
N ARG A 548 7.78 20.17 -2.44
CA ARG A 548 8.60 19.92 -3.62
C ARG A 548 9.13 18.50 -3.64
N PHE A 549 9.30 17.88 -2.47
CA PHE A 549 9.76 16.50 -2.42
C PHE A 549 8.64 15.53 -2.79
N LEU A 550 7.47 15.67 -2.16
CA LEU A 550 6.36 14.78 -2.46
C LEU A 550 5.78 15.02 -3.85
N LEU A 551 6.08 16.15 -4.48
CA LEU A 551 5.60 16.39 -5.83
C LEU A 551 6.52 15.76 -6.87
N LYS A 552 7.83 15.99 -6.75
CA LYS A 552 8.77 15.41 -7.71
C LYS A 552 8.75 13.89 -7.64
N LYS A 553 8.60 13.32 -6.45
CA LYS A 553 8.55 11.87 -6.33
C LYS A 553 7.23 11.30 -6.86
N ALA A 554 6.13 12.03 -6.69
CA ALA A 554 4.86 11.59 -7.25
C ALA A 554 4.79 11.79 -8.76
N LEU A 555 5.57 12.73 -9.30
CA LEU A 555 5.64 12.94 -10.74
C LEU A 555 6.68 12.05 -11.41
N THR A 556 7.43 11.26 -10.64
CA THR A 556 8.36 10.28 -11.18
C THR A 556 7.97 8.85 -10.88
N ASN A 557 6.94 8.62 -10.06
CA ASN A 557 6.46 7.28 -9.73
C ASN A 557 4.93 7.35 -9.73
N GLN A 558 4.31 6.84 -10.80
CA GLN A 558 2.86 6.98 -10.94
C GLN A 558 2.11 6.17 -9.89
N ARG A 559 2.71 5.09 -9.39
CA ARG A 559 2.09 4.36 -8.29
C ARG A 559 1.98 5.23 -7.05
N ILE A 560 2.98 6.08 -6.82
CA ILE A 560 2.91 7.03 -5.72
C ILE A 560 1.99 8.19 -6.06
N GLY A 561 2.01 8.65 -7.32
CA GLY A 561 1.19 9.79 -7.71
C GLY A 561 -0.29 9.49 -7.72
N HIS A 562 -0.67 8.22 -7.91
CA HIS A 562 -2.07 7.85 -7.90
C HIS A 562 -2.70 8.10 -6.53
N PHE A 563 -2.11 7.51 -5.48
CA PHE A 563 -2.60 7.76 -4.14
C PHE A 563 -2.27 9.16 -3.65
N PHE A 564 -1.32 9.85 -4.30
CA PHE A 564 -1.07 11.24 -3.97
C PHE A 564 -2.23 12.14 -4.37
N PHE A 565 -2.98 11.75 -5.41
CA PHE A 565 -4.13 12.54 -5.84
C PHE A 565 -5.36 12.26 -4.97
N TRP A 566 -5.67 10.98 -4.74
CA TRP A 566 -6.89 10.64 -4.03
C TRP A 566 -6.83 11.02 -2.56
N HIS A 567 -5.64 11.02 -1.97
CA HIS A 567 -5.50 11.49 -0.60
C HIS A 567 -5.66 13.00 -0.49
N LEU A 568 -5.51 13.72 -1.61
CA LEU A 568 -5.73 15.16 -1.63
C LEU A 568 -7.16 15.51 -2.04
N LYS A 569 -7.77 14.74 -2.94
CA LYS A 569 -9.15 15.01 -3.32
C LYS A 569 -10.12 14.63 -2.20
N SER A 570 -9.74 13.68 -1.36
CA SER A 570 -10.58 13.29 -0.23
C SER A 570 -10.65 14.35 0.85
N GLU A 571 -9.84 15.41 0.76
CA GLU A 571 -9.87 16.51 1.72
C GLU A 571 -10.51 17.76 1.16
N MET A 572 -11.07 17.70 -0.06
CA MET A 572 -11.64 18.89 -0.67
C MET A 572 -12.93 19.33 0.01
N HIS A 573 -13.59 18.45 0.75
CA HIS A 573 -14.81 18.83 1.46
C HIS A 573 -14.54 19.73 2.65
N ASN A 574 -13.27 20.00 2.96
CA ASN A 574 -12.89 20.87 4.07
C ASN A 574 -12.13 22.06 3.49
N LYS A 575 -12.68 23.27 3.70
CA LYS A 575 -12.11 24.46 3.10
C LYS A 575 -10.82 24.94 3.77
N THR A 576 -10.49 24.40 4.94
CA THR A 576 -9.25 24.82 5.61
C THR A 576 -8.01 24.29 4.91
N VAL A 577 -8.15 23.30 4.04
CA VAL A 577 -7.02 22.72 3.33
C VAL A 577 -7.34 22.65 1.83
N SER A 578 -8.45 23.28 1.43
CA SER A 578 -8.85 23.22 0.03
C SER A 578 -7.93 24.06 -0.86
N GLN A 579 -7.49 25.21 -0.37
CA GLN A 579 -6.63 26.08 -1.17
C GLN A 579 -5.25 25.47 -1.36
N ARG A 580 -4.69 24.88 -0.31
CA ARG A 580 -3.37 24.26 -0.42
C ARG A 580 -3.42 23.03 -1.31
N PHE A 581 -4.40 22.14 -1.09
CA PHE A 581 -4.48 20.92 -1.88
C PHE A 581 -4.98 21.20 -3.29
N GLY A 582 -5.80 22.24 -3.47
CA GLY A 582 -6.25 22.58 -4.80
C GLY A 582 -5.12 23.07 -5.69
N LEU A 583 -4.27 23.94 -5.15
CA LEU A 583 -3.10 24.39 -5.90
C LEU A 583 -2.11 23.24 -6.14
N LEU A 584 -2.01 22.31 -5.20
CA LEU A 584 -1.09 21.19 -5.37
C LEU A 584 -1.61 20.19 -6.38
N LEU A 585 -2.92 19.92 -6.37
CA LEU A 585 -3.51 19.04 -7.38
C LEU A 585 -3.47 19.67 -8.77
N GLU A 586 -3.59 20.99 -8.85
CA GLU A 586 -3.45 21.66 -10.14
C GLU A 586 -2.04 21.51 -10.69
N SER A 587 -1.03 21.62 -9.84
CA SER A 587 0.34 21.43 -10.30
C SER A 587 0.61 19.99 -10.68
N TYR A 588 -0.01 19.03 -9.98
CA TYR A 588 0.17 17.62 -10.31
C TYR A 588 -0.45 17.30 -11.67
N CYS A 589 -1.72 17.66 -11.86
CA CYS A 589 -2.41 17.39 -13.12
C CYS A 589 -1.77 18.12 -14.29
N ARG A 590 -1.07 19.22 -14.04
CA ARG A 590 -0.42 19.96 -15.11
C ARG A 590 0.71 19.15 -15.74
N ALA A 591 1.32 18.24 -14.99
CA ALA A 591 2.46 17.49 -15.49
C ALA A 591 2.41 16.00 -15.17
N CYS A 592 1.24 15.48 -14.77
CA CYS A 592 1.14 14.05 -14.48
C CYS A 592 1.14 13.20 -15.74
N GLY A 593 1.07 13.80 -16.92
CA GLY A 593 1.15 13.06 -18.16
C GLY A 593 -0.17 12.51 -18.65
N MET A 594 -0.13 11.32 -19.26
CA MET A 594 -1.33 10.72 -19.83
C MET A 594 -2.29 10.21 -18.75
N TYR A 595 -1.81 10.00 -17.53
CA TYR A 595 -2.65 9.44 -16.48
C TYR A 595 -3.80 10.37 -16.08
N LEU A 596 -3.75 11.65 -16.47
CA LEU A 596 -4.87 12.53 -16.20
C LEU A 596 -6.15 12.04 -16.87
N LYS A 597 -6.02 11.39 -18.03
CA LYS A 597 -7.20 10.85 -18.71
C LYS A 597 -7.84 9.74 -17.91
N HIS A 598 -7.04 8.77 -17.45
CA HIS A 598 -7.58 7.68 -16.64
C HIS A 598 -8.03 8.17 -15.28
N LEU A 599 -7.40 9.23 -14.76
CA LEU A 599 -7.75 9.72 -13.43
C LEU A 599 -9.11 10.42 -13.43
N ASN A 600 -9.49 11.05 -14.54
CA ASN A 600 -10.81 11.67 -14.62
C ASN A 600 -11.92 10.65 -14.79
N ARG A 601 -11.61 9.48 -15.36
CA ARG A 601 -12.62 8.43 -15.47
C ARG A 601 -12.99 7.88 -14.11
N GLN A 602 -12.00 7.76 -13.21
CA GLN A 602 -12.29 7.29 -11.86
C GLN A 602 -13.13 8.28 -11.08
N VAL A 603 -12.88 9.58 -11.28
CA VAL A 603 -13.66 10.61 -10.58
C VAL A 603 -15.11 10.58 -11.05
N GLU A 604 -15.32 10.51 -12.37
CA GLU A 604 -16.68 10.42 -12.89
C GLU A 604 -17.34 9.09 -12.47
N ALA A 605 -16.56 8.02 -12.40
CA ALA A 605 -17.10 6.74 -11.95
C ALA A 605 -17.47 6.78 -10.48
N MET A 606 -16.60 7.37 -9.64
CA MET A 606 -16.89 7.43 -8.22
C MET A 606 -18.01 8.41 -7.92
N GLU A 607 -18.10 9.51 -8.67
CA GLU A 607 -19.18 10.46 -8.46
C GLU A 607 -20.53 9.86 -8.83
N LYS A 608 -20.56 8.96 -9.82
CA LYS A 608 -21.78 8.27 -10.19
C LYS A 608 -22.22 7.26 -9.13
N LEU A 609 -21.35 6.94 -8.16
CA LEU A 609 -21.72 6.06 -7.06
C LEU A 609 -22.15 6.82 -5.81
N ILE A 610 -21.71 8.07 -5.65
CA ILE A 610 -22.07 8.84 -4.46
C ILE A 610 -23.52 9.31 -4.54
N ASN A 611 -23.95 9.76 -5.73
CA ASN A 611 -25.30 10.28 -5.87
C ASN A 611 -26.34 9.16 -5.74
N LEU A 612 -26.04 7.97 -6.26
CA LEU A 612 -26.98 6.86 -6.16
C LEU A 612 -27.21 6.46 -4.71
N THR A 613 -26.14 6.42 -3.91
CA THR A 613 -26.30 6.13 -2.49
C THR A 613 -27.05 7.25 -1.77
N ASP A 614 -26.93 8.48 -2.26
CA ASP A 614 -27.70 9.58 -1.67
C ASP A 614 -29.17 9.47 -2.04
N ILE A 615 -29.48 9.02 -3.25
CA ILE A 615 -30.87 8.81 -3.64
C ILE A 615 -31.45 7.60 -2.92
N LEU A 616 -30.61 6.63 -2.57
CA LEU A 616 -31.07 5.45 -1.84
C LEU A 616 -31.20 5.68 -0.34
N LYS A 617 -30.62 6.76 0.19
CA LYS A 617 -30.69 7.07 1.62
C LYS A 617 -31.62 8.24 1.90
N GLN A 618 -31.38 9.40 1.27
CA GLN A 618 -32.25 10.55 1.49
C GLN A 618 -33.63 10.32 0.90
N GLU A 619 -33.69 9.76 -0.30
CA GLU A 619 -34.95 9.41 -0.95
C GLU A 619 -35.21 7.92 -0.82
N LYS A 620 -36.46 7.53 -1.06
CA LYS A 620 -36.90 6.14 -1.05
C LYS A 620 -36.53 5.55 0.31
N LYS A 621 -35.84 4.41 0.37
CA LYS A 621 -35.37 3.77 1.61
C LYS A 621 -36.52 3.37 2.53
N ASP A 622 -37.76 3.51 2.09
CA ASP A 622 -38.89 3.14 2.94
C ASP A 622 -39.02 1.63 3.04
N GLU A 623 -39.02 0.94 1.90
CA GLU A 623 -39.11 -0.51 1.86
C GLU A 623 -37.80 -1.08 1.34
N THR A 624 -37.43 -2.24 1.85
CA THR A 624 -36.13 -2.87 1.56
C THR A 624 -36.33 -4.29 1.05
N GLN A 625 -37.21 -4.47 0.08
CA GLN A 625 -37.39 -5.77 -0.56
C GLN A 625 -37.40 -5.60 -2.08
N LYS A 626 -38.41 -4.91 -2.61
CA LYS A 626 -38.43 -4.57 -4.03
C LYS A 626 -37.81 -3.19 -4.28
N VAL A 627 -38.07 -2.23 -3.39
CA VAL A 627 -37.52 -0.89 -3.57
C VAL A 627 -36.00 -0.90 -3.48
N GLN A 628 -35.44 -1.79 -2.64
CA GLN A 628 -33.99 -1.91 -2.57
C GLN A 628 -33.41 -2.51 -3.84
N MET A 629 -34.22 -3.18 -4.65
CA MET A 629 -33.76 -3.81 -5.88
C MET A 629 -34.50 -3.30 -7.10
N LYS A 630 -35.30 -2.24 -6.97
CA LYS A 630 -35.96 -1.62 -8.13
C LYS A 630 -35.09 -0.50 -8.68
N PHE A 631 -34.99 0.61 -7.93
CA PHE A 631 -34.16 1.73 -8.36
C PHE A 631 -32.69 1.36 -8.45
N LEU A 632 -32.26 0.33 -7.73
CA LEU A 632 -30.86 -0.08 -7.80
C LEU A 632 -30.52 -0.71 -9.15
N VAL A 633 -31.34 -1.66 -9.60
CA VAL A 633 -31.06 -2.31 -10.87
C VAL A 633 -31.46 -1.45 -12.07
N GLU A 634 -32.32 -0.45 -11.87
CA GLU A 634 -32.70 0.41 -12.98
C GLU A 634 -31.60 1.40 -13.33
N GLN A 635 -30.83 1.83 -12.33
CA GLN A 635 -29.73 2.76 -12.61
C GLN A 635 -28.51 2.04 -13.16
N MET A 636 -28.23 0.84 -12.66
CA MET A 636 -27.09 0.07 -13.16
C MET A 636 -27.29 -0.40 -14.60
N ARG A 637 -28.54 -0.53 -15.04
CA ARG A 637 -28.83 -0.89 -16.42
C ARG A 637 -29.05 0.34 -17.30
N ARG A 638 -29.04 1.54 -16.73
CA ARG A 638 -29.19 2.74 -17.52
C ARG A 638 -27.97 2.96 -18.40
N PRO A 639 -28.17 3.31 -19.68
CA PRO A 639 -27.02 3.41 -20.59
C PRO A 639 -25.96 4.41 -20.15
N ASP A 640 -26.37 5.60 -19.70
CA ASP A 640 -25.39 6.62 -19.33
C ASP A 640 -24.62 6.25 -18.06
N PHE A 641 -25.15 5.33 -17.25
CA PHE A 641 -24.44 4.90 -16.05
C PHE A 641 -23.57 3.67 -16.29
N MET A 642 -23.91 2.85 -17.27
CA MET A 642 -23.10 1.67 -17.55
C MET A 642 -21.69 2.06 -18.00
N ASP A 643 -21.58 2.90 -19.03
CA ASP A 643 -20.29 3.32 -19.53
C ASP A 643 -19.47 4.09 -18.50
N ALA A 644 -20.12 4.64 -17.48
CA ALA A 644 -19.39 5.32 -16.41
C ALA A 644 -18.56 4.34 -15.57
N LEU A 645 -18.96 3.07 -15.52
CA LEU A 645 -18.23 2.05 -14.78
C LEU A 645 -17.68 0.98 -15.70
N GLN A 646 -17.02 1.39 -16.79
CA GLN A 646 -16.48 0.46 -17.77
C GLN A 646 -15.08 0.91 -18.17
N GLY A 647 -14.10 0.02 -18.00
CA GLY A 647 -12.75 0.26 -18.49
C GLY A 647 -12.04 1.42 -17.82
N PHE A 648 -11.94 1.38 -16.50
CA PHE A 648 -11.19 2.38 -15.76
C PHE A 648 -10.42 1.70 -14.63
N LEU A 649 -9.25 2.25 -14.32
CA LEU A 649 -8.39 1.67 -13.30
C LEU A 649 -9.05 1.78 -11.92
N SER A 650 -8.84 0.75 -11.10
CA SER A 650 -9.45 0.71 -9.79
C SER A 650 -8.83 1.78 -8.89
N PRO A 651 -9.65 2.59 -8.20
CA PRO A 651 -9.07 3.55 -7.25
C PRO A 651 -8.36 2.89 -6.09
N LEU A 652 -8.76 1.67 -5.72
CA LEU A 652 -8.08 0.95 -4.63
C LEU A 652 -6.72 0.43 -5.08
N ASN A 653 -6.56 0.15 -6.37
CA ASN A 653 -5.29 -0.34 -6.91
C ASN A 653 -5.22 0.01 -8.39
N PRO A 654 -4.27 0.86 -8.80
CA PRO A 654 -4.22 1.27 -10.21
C PRO A 654 -3.86 0.14 -11.16
N ALA A 655 -3.29 -0.97 -10.67
CA ALA A 655 -2.96 -2.10 -11.52
C ALA A 655 -4.15 -2.99 -11.81
N HIS A 656 -5.27 -2.80 -11.13
CA HIS A 656 -6.48 -3.57 -11.35
C HIS A 656 -7.42 -2.81 -12.28
N GLN A 657 -7.83 -3.47 -13.36
CA GLN A 657 -8.74 -2.87 -14.33
C GLN A 657 -10.16 -3.34 -14.04
N LEU A 658 -11.06 -2.39 -13.78
CA LEU A 658 -12.48 -2.68 -13.55
C LEU A 658 -13.18 -2.64 -14.90
N GLY A 659 -13.44 -3.81 -15.48
CA GLY A 659 -14.01 -3.89 -16.80
C GLY A 659 -15.52 -4.01 -16.82
N ASN A 660 -16.02 -5.14 -17.32
CA ASN A 660 -17.46 -5.32 -17.47
C ASN A 660 -18.13 -5.55 -16.12
N LEU A 661 -19.32 -4.99 -15.97
CA LEU A 661 -20.09 -5.17 -14.75
C LEU A 661 -20.83 -6.51 -14.79
N ARG A 662 -21.07 -7.07 -13.61
CA ARG A 662 -21.85 -8.29 -13.44
C ARG A 662 -22.98 -7.95 -12.47
N LEU A 663 -24.10 -7.49 -13.03
CA LEU A 663 -25.23 -7.02 -12.22
C LEU A 663 -25.94 -8.14 -11.47
N GLU A 664 -25.67 -9.40 -11.82
CA GLU A 664 -26.33 -10.50 -11.13
C GLU A 664 -25.84 -10.64 -9.69
N GLU A 665 -24.60 -10.21 -9.41
CA GLU A 665 -24.09 -10.22 -8.04
C GLU A 665 -24.14 -8.84 -7.37
N CYS A 666 -24.27 -7.78 -8.14
CA CYS A 666 -24.35 -6.44 -7.56
C CYS A 666 -25.64 -6.28 -6.75
N ARG A 667 -25.50 -5.88 -5.50
CA ARG A 667 -26.63 -5.77 -4.59
C ARG A 667 -26.34 -4.67 -3.58
N ILE A 668 -27.31 -4.41 -2.71
CA ILE A 668 -27.18 -3.44 -1.63
C ILE A 668 -27.20 -4.20 -0.32
N MET A 669 -26.24 -3.89 0.56
CA MET A 669 -26.10 -4.60 1.81
C MET A 669 -27.18 -4.16 2.81
N SER A 670 -27.39 -5.00 3.83
CA SER A 670 -28.31 -4.72 4.92
C SER A 670 -27.57 -4.27 6.18
N SER A 671 -26.40 -3.68 6.03
CA SER A 671 -25.60 -3.22 7.16
C SER A 671 -25.91 -1.75 7.44
N ALA A 672 -25.02 -1.05 8.13
CA ALA A 672 -25.22 0.36 8.42
C ALA A 672 -25.05 1.19 7.15
N LYS A 673 -25.95 2.16 6.97
CA LYS A 673 -25.94 3.07 5.82
C LYS A 673 -26.16 2.33 4.50
N ARG A 674 -26.36 1.02 4.57
CA ARG A 674 -26.65 0.17 3.41
C ARG A 674 -25.59 0.33 2.34
N PRO A 675 -24.40 -0.25 2.51
CA PRO A 675 -23.35 -0.13 1.49
C PRO A 675 -23.74 -0.88 0.22
N LEU A 676 -22.98 -0.62 -0.85
CA LEU A 676 -23.21 -1.23 -2.15
C LEU A 676 -22.12 -2.26 -2.41
N TRP A 677 -22.52 -3.52 -2.53
CA TRP A 677 -21.61 -4.60 -2.91
C TRP A 677 -21.55 -4.66 -4.43
N LEU A 678 -20.39 -4.34 -4.99
CA LEU A 678 -20.22 -4.24 -6.43
C LEU A 678 -19.33 -5.36 -6.95
N ASN A 679 -19.42 -5.60 -8.26
CA ASN A 679 -18.68 -6.69 -8.89
C ASN A 679 -18.27 -6.25 -10.30
N TRP A 680 -17.05 -6.61 -10.69
CA TRP A 680 -16.52 -6.27 -12.00
C TRP A 680 -15.83 -7.50 -12.58
N GLU A 681 -15.32 -7.35 -13.80
CA GLU A 681 -14.54 -8.37 -14.48
C GLU A 681 -13.11 -7.91 -14.64
N ASN A 682 -12.22 -8.87 -14.91
CA ASN A 682 -10.82 -8.58 -15.17
C ASN A 682 -10.58 -8.68 -16.67
N PRO A 683 -10.54 -7.56 -17.40
CA PRO A 683 -10.36 -7.62 -18.86
C PRO A 683 -8.99 -8.10 -19.30
N ASP A 684 -8.11 -8.46 -18.37
CA ASP A 684 -6.82 -9.01 -18.75
C ASP A 684 -7.00 -10.35 -19.46
N ILE A 685 -6.21 -10.58 -20.50
CA ILE A 685 -6.29 -11.83 -21.23
C ILE A 685 -5.89 -13.02 -20.37
N MET A 686 -5.12 -12.79 -19.31
CA MET A 686 -4.72 -13.83 -18.37
C MET A 686 -5.55 -13.79 -17.09
N SER A 687 -6.83 -13.42 -17.20
CA SER A 687 -7.68 -13.32 -16.01
C SER A 687 -7.96 -14.67 -15.36
N GLU A 688 -7.71 -15.77 -16.07
CA GLU A 688 -8.00 -17.08 -15.50
C GLU A 688 -7.01 -17.43 -14.38
N LEU A 689 -5.80 -16.88 -14.42
CA LEU A 689 -4.80 -17.18 -13.42
C LEU A 689 -4.92 -16.33 -12.16
N LEU A 690 -5.41 -15.11 -12.29
CA LEU A 690 -5.64 -14.24 -11.15
C LEU A 690 -7.13 -14.22 -10.82
N PHE A 691 -7.56 -13.30 -9.97
CA PHE A 691 -8.96 -13.17 -9.64
C PHE A 691 -9.76 -12.69 -10.85
N GLN A 692 -11.04 -13.06 -10.88
CA GLN A 692 -11.93 -12.67 -11.96
C GLN A 692 -13.07 -11.76 -11.54
N ASN A 693 -13.41 -11.70 -10.26
CA ASN A 693 -14.50 -10.86 -9.75
C ASN A 693 -13.90 -9.80 -8.84
N ASN A 694 -13.70 -8.60 -9.39
CA ASN A 694 -13.24 -7.47 -8.60
C ASN A 694 -14.42 -6.95 -7.78
N GLU A 695 -14.41 -7.25 -6.48
CA GLU A 695 -15.51 -6.91 -5.59
C GLU A 695 -15.08 -5.77 -4.68
N ILE A 696 -15.88 -4.70 -4.65
CA ILE A 696 -15.59 -3.50 -3.88
C ILE A 696 -16.84 -3.08 -3.14
N ILE A 697 -16.70 -2.76 -1.85
CA ILE A 697 -17.80 -2.25 -1.04
C ILE A 697 -17.75 -0.73 -1.05
N PHE A 698 -18.89 -0.10 -1.32
CA PHE A 698 -19.01 1.35 -1.36
C PHE A 698 -19.77 1.78 -0.10
N LYS A 699 -19.03 2.12 0.95
CA LYS A 699 -19.61 2.58 2.20
C LYS A 699 -19.85 4.08 2.10
N ASN A 700 -21.12 4.48 2.12
CA ASN A 700 -21.48 5.88 1.94
C ASN A 700 -21.50 6.64 3.27
N GLY A 701 -22.39 6.25 4.17
CA GLY A 701 -22.60 6.98 5.42
C GLY A 701 -21.42 6.98 6.37
N ASP A 702 -20.96 5.78 6.76
CA ASP A 702 -19.91 5.67 7.75
C ASP A 702 -18.58 6.18 7.21
N ASP A 703 -17.82 6.86 8.06
CA ASP A 703 -16.51 7.35 7.67
C ASP A 703 -15.52 6.19 7.57
N LEU A 704 -14.73 6.20 6.50
CA LEU A 704 -13.74 5.15 6.25
C LEU A 704 -12.31 5.64 6.42
N ARG A 705 -12.11 6.65 7.28
CA ARG A 705 -10.77 7.10 7.61
C ARG A 705 -10.17 6.33 8.78
N GLN A 706 -11.01 5.84 9.69
CA GLN A 706 -10.51 5.01 10.79
C GLN A 706 -10.00 3.67 10.28
N ASP A 707 -10.57 3.16 9.19
CA ASP A 707 -10.13 1.88 8.65
C ASP A 707 -8.76 1.97 8.01
N MET A 708 -8.50 3.06 7.27
CA MET A 708 -7.23 3.19 6.57
C MET A 708 -6.05 3.16 7.53
N LEU A 709 -6.16 3.88 8.65
CA LEU A 709 -5.06 3.90 9.62
C LEU A 709 -4.88 2.53 10.28
N THR A 710 -5.98 1.83 10.54
CA THR A 710 -5.86 0.49 11.13
C THR A 710 -5.37 -0.52 10.11
N LEU A 711 -5.92 -0.49 8.89
CA LEU A 711 -5.47 -1.39 7.85
C LEU A 711 -4.02 -1.14 7.43
N GLN A 712 -3.49 0.05 7.72
CA GLN A 712 -2.09 0.33 7.38
C GLN A 712 -1.15 -0.15 8.47
N ILE A 713 -1.51 0.08 9.74
CA ILE A 713 -0.67 -0.37 10.85
C ILE A 713 -0.58 -1.89 10.87
N ILE A 714 -1.68 -2.57 10.53
CA ILE A 714 -1.66 -4.02 10.45
C ILE A 714 -0.64 -4.49 9.43
N ARG A 715 -0.54 -3.79 8.30
CA ARG A 715 0.50 -4.12 7.32
C ARG A 715 1.89 -3.82 7.87
N ILE A 716 2.03 -2.72 8.59
CA ILE A 716 3.33 -2.38 9.18
C ILE A 716 3.67 -3.36 10.30
N MET A 717 2.66 -3.74 11.11
CA MET A 717 2.90 -4.74 12.14
C MET A 717 3.27 -6.09 11.54
N GLU A 718 2.72 -6.42 10.38
CA GLU A 718 3.05 -7.69 9.75
C GLU A 718 4.48 -7.67 9.19
N ASN A 719 4.90 -6.53 8.64
CA ASN A 719 6.27 -6.44 8.10
C ASN A 719 7.30 -6.52 9.23
N ILE A 720 6.99 -5.95 10.39
CA ILE A 720 7.90 -6.05 11.53
C ILE A 720 8.01 -7.49 12.00
N TRP A 721 6.91 -8.23 11.95
CA TRP A 721 6.92 -9.62 12.40
C TRP A 721 7.62 -10.52 11.39
N GLN A 722 7.35 -10.32 10.09
CA GLN A 722 7.98 -11.15 9.06
C GLN A 722 9.48 -10.92 9.01
N ASN A 723 9.95 -9.73 9.37
CA ASN A 723 11.38 -9.44 9.37
C ASN A 723 12.08 -9.93 10.64
N GLN A 724 11.34 -10.46 11.61
CA GLN A 724 11.93 -11.00 12.82
C GLN A 724 11.71 -12.51 12.98
N GLY A 725 10.98 -13.14 12.07
CA GLY A 725 10.74 -14.57 12.13
C GLY A 725 9.32 -14.96 12.49
N LEU A 726 8.50 -14.01 12.95
CA LEU A 726 7.11 -14.31 13.30
C LEU A 726 6.29 -14.36 12.03
N ASP A 727 5.93 -15.57 11.61
CA ASP A 727 5.13 -15.78 10.39
C ASP A 727 3.64 -15.72 10.72
N LEU A 728 3.22 -14.57 11.24
CA LEU A 728 1.82 -14.32 11.57
C LEU A 728 1.17 -13.63 10.37
N ARG A 729 0.43 -14.41 9.58
CA ARG A 729 -0.15 -13.90 8.35
C ARG A 729 -1.30 -12.96 8.67
N MET A 730 -1.08 -11.66 8.52
CA MET A 730 -2.13 -10.67 8.63
C MET A 730 -2.72 -10.41 7.25
N LEU A 731 -3.99 -10.00 7.23
CA LEU A 731 -4.71 -9.70 6.00
C LEU A 731 -5.09 -8.22 6.00
N PRO A 732 -4.20 -7.34 5.55
CA PRO A 732 -4.55 -5.92 5.45
C PRO A 732 -5.16 -5.59 4.11
N TYR A 733 -6.48 -5.76 4.00
CA TYR A 733 -7.17 -5.51 2.75
C TYR A 733 -7.16 -4.03 2.41
N GLY A 734 -7.38 -3.73 1.14
CA GLY A 734 -7.33 -2.36 0.67
C GLY A 734 -8.50 -1.53 1.18
N CYS A 735 -8.23 -0.26 1.44
CA CYS A 735 -9.25 0.67 1.90
C CYS A 735 -8.81 2.08 1.56
N LEU A 736 -9.69 2.86 0.94
CA LEU A 736 -9.36 4.21 0.51
C LEU A 736 -10.56 5.11 0.78
N SER A 737 -10.36 6.14 1.60
CA SER A 737 -11.42 7.09 1.90
C SER A 737 -11.52 8.13 0.78
N ILE A 738 -12.75 8.43 0.39
CA ILE A 738 -13.03 9.34 -0.72
C ILE A 738 -13.91 10.48 -0.21
N GLY A 739 -13.53 11.71 -0.51
CA GLY A 739 -14.38 12.85 -0.23
C GLY A 739 -14.74 12.97 1.23
N ASP A 740 -16.03 13.18 1.50
CA ASP A 740 -16.52 13.39 2.85
C ASP A 740 -16.50 12.09 3.65
N CYS A 741 -17.41 11.17 3.35
CA CYS A 741 -17.53 9.93 4.10
C CYS A 741 -17.61 8.69 3.23
N VAL A 742 -17.69 8.83 1.91
CA VAL A 742 -17.73 7.66 1.03
C VAL A 742 -16.34 7.05 0.95
N GLY A 743 -16.25 5.83 0.43
CA GLY A 743 -14.97 5.17 0.33
C GLY A 743 -15.16 3.77 -0.22
N LEU A 744 -14.04 3.17 -0.62
CA LEU A 744 -14.02 1.85 -1.21
C LEU A 744 -13.36 0.85 -0.27
N ILE A 745 -13.83 -0.38 -0.31
CA ILE A 745 -13.33 -1.47 0.54
C ILE A 745 -13.04 -2.66 -0.34
N GLU A 746 -11.79 -3.13 -0.33
CA GLU A 746 -11.42 -4.31 -1.09
C GLU A 746 -12.01 -5.56 -0.44
N VAL A 747 -12.63 -6.41 -1.25
CA VAL A 747 -13.31 -7.61 -0.77
C VAL A 747 -12.45 -8.82 -1.12
N VAL A 748 -12.27 -9.71 -0.14
CA VAL A 748 -11.52 -10.95 -0.32
C VAL A 748 -12.50 -12.07 -0.64
N ARG A 749 -12.21 -12.84 -1.69
CA ARG A 749 -13.09 -13.91 -2.10
C ARG A 749 -13.03 -15.07 -1.11
N ASN A 750 -14.04 -15.92 -1.16
CA ASN A 750 -14.21 -17.09 -0.28
C ASN A 750 -13.84 -16.78 1.16
N SER A 751 -14.56 -15.81 1.72
CA SER A 751 -14.41 -15.41 3.11
C SER A 751 -15.78 -15.36 3.77
N HIS A 752 -15.88 -15.92 4.97
CA HIS A 752 -17.13 -15.99 5.70
C HIS A 752 -16.89 -15.56 7.15
N THR A 753 -17.88 -14.88 7.72
CA THR A 753 -17.78 -14.44 9.10
C THR A 753 -18.01 -15.62 10.06
N ILE A 754 -17.81 -15.36 11.35
CA ILE A 754 -18.04 -16.39 12.35
C ILE A 754 -19.52 -16.74 12.44
N MET A 755 -20.40 -15.72 12.32
CA MET A 755 -21.82 -15.98 12.30
C MET A 755 -22.26 -16.68 11.02
N GLN A 756 -21.51 -16.51 9.93
CA GLN A 756 -21.85 -17.18 8.67
C GLN A 756 -21.61 -18.68 8.73
N ILE A 757 -20.87 -19.17 9.71
CA ILE A 757 -20.55 -20.59 9.85
C ILE A 757 -21.36 -21.13 11.03
N GLN A 758 -22.41 -21.88 10.73
CA GLN A 758 -23.27 -22.46 11.76
C GLN A 758 -24.17 -23.50 11.11
N CYS A 759 -24.67 -24.40 11.94
CA CYS A 759 -25.59 -25.44 11.48
C CYS A 759 -26.64 -25.76 12.53
N PHE A 769 -29.75 -25.30 15.65
CA PHE A 769 -29.28 -24.65 16.86
C PHE A 769 -27.83 -24.16 16.68
N ASN A 770 -27.19 -23.82 17.80
CA ASN A 770 -25.82 -23.35 17.80
C ASN A 770 -24.89 -24.42 18.35
N SER A 771 -23.70 -24.53 17.76
CA SER A 771 -22.72 -25.52 18.17
C SER A 771 -21.34 -25.04 17.73
N HIS A 772 -20.31 -25.80 18.11
CA HIS A 772 -18.93 -25.47 17.75
C HIS A 772 -18.58 -26.10 16.40
N THR A 773 -19.30 -25.65 15.37
CA THR A 773 -19.10 -26.15 14.01
C THR A 773 -17.96 -25.44 13.28
N LEU A 774 -17.25 -24.53 13.96
CA LEU A 774 -16.12 -23.86 13.31
C LEU A 774 -15.00 -24.85 13.01
N HIS A 775 -14.77 -25.80 13.91
CA HIS A 775 -13.73 -26.80 13.66
C HIS A 775 -14.15 -27.76 12.55
N GLN A 776 -15.45 -28.02 12.42
CA GLN A 776 -15.92 -28.91 11.35
C GLN A 776 -15.82 -28.24 9.99
N TRP A 777 -16.04 -26.92 9.93
CA TRP A 777 -15.93 -26.21 8.66
C TRP A 777 -14.51 -26.25 8.12
N LEU A 778 -13.52 -26.13 9.00
CA LEU A 778 -12.13 -26.23 8.55
C LEU A 778 -11.75 -27.68 8.26
N LYS A 779 -12.42 -28.64 8.93
CA LYS A 779 -12.20 -30.04 8.60
C LYS A 779 -12.83 -30.40 7.26
N ASP A 780 -14.01 -29.85 6.97
CA ASP A 780 -14.72 -30.24 5.76
C ASP A 780 -14.07 -29.66 4.51
N LYS A 781 -13.48 -28.47 4.60
CA LYS A 781 -12.88 -27.82 3.45
C LYS A 781 -11.43 -28.18 3.24
N ASN A 782 -10.72 -28.58 4.29
CA ASN A 782 -9.30 -28.95 4.21
C ASN A 782 -9.17 -30.38 4.73
N LYS A 783 -9.24 -31.35 3.82
CA LYS A 783 -9.11 -32.76 4.16
C LYS A 783 -7.71 -33.26 3.87
N GLY A 784 -7.40 -34.44 4.41
CA GLY A 784 -6.08 -35.03 4.24
C GLY A 784 -5.01 -34.33 5.05
N GLU A 785 -3.83 -34.17 4.45
CA GLU A 785 -2.74 -33.49 5.12
C GLU A 785 -2.90 -31.98 5.15
N ILE A 786 -3.93 -31.44 4.49
CA ILE A 786 -4.15 -30.00 4.49
C ILE A 786 -4.77 -29.52 5.80
N TYR A 787 -5.42 -30.41 6.54
CA TYR A 787 -6.01 -30.01 7.81
C TYR A 787 -4.96 -29.51 8.79
N ASP A 788 -3.81 -30.18 8.85
CA ASP A 788 -2.77 -29.78 9.78
C ASP A 788 -2.20 -28.40 9.44
N ALA A 789 -2.26 -28.01 8.17
CA ALA A 789 -1.78 -26.69 7.77
C ALA A 789 -2.84 -25.61 7.94
N ALA A 790 -4.12 -25.95 7.78
CA ALA A 790 -5.17 -24.97 7.94
C ALA A 790 -5.35 -24.58 9.41
N ILE A 791 -5.15 -25.54 10.32
CA ILE A 791 -5.22 -25.22 11.74
C ILE A 791 -4.07 -24.30 12.15
N ASP A 792 -2.89 -24.52 11.58
CA ASP A 792 -1.76 -23.65 11.87
C ASP A 792 -2.02 -22.24 11.36
N LEU A 793 -2.61 -22.11 10.17
CA LEU A 793 -2.95 -20.79 9.66
C LEU A 793 -3.99 -20.11 10.53
N PHE A 794 -4.87 -20.89 11.17
CA PHE A 794 -5.88 -20.31 12.06
C PHE A 794 -5.26 -19.80 13.34
N THR A 795 -4.16 -20.40 13.78
CA THR A 795 -3.53 -20.02 15.04
C THR A 795 -2.56 -18.86 14.88
N ARG A 796 -1.80 -18.84 13.79
CA ARG A 796 -0.84 -17.76 13.58
C ARG A 796 -1.53 -16.45 13.25
N SER A 797 -2.62 -16.50 12.48
CA SER A 797 -3.38 -15.30 12.17
C SER A 797 -4.20 -14.83 13.37
N CYS A 798 -4.62 -15.77 14.24
CA CYS A 798 -5.37 -15.38 15.42
C CYS A 798 -4.47 -14.68 16.44
N ALA A 799 -3.26 -15.21 16.64
CA ALA A 799 -2.33 -14.57 17.56
C ALA A 799 -1.93 -13.18 17.09
N GLY A 800 -1.87 -12.98 15.77
CA GLY A 800 -1.56 -11.65 15.26
C GLY A 800 -2.72 -10.69 15.41
N TYR A 801 -3.93 -11.13 15.02
CA TYR A 801 -5.10 -10.27 15.13
C TYR A 801 -5.60 -10.11 16.56
N CYS A 802 -5.06 -10.88 17.50
CA CYS A 802 -5.41 -10.69 18.91
C CYS A 802 -4.42 -9.77 19.62
N VAL A 803 -3.13 -9.93 19.35
CA VAL A 803 -2.12 -9.09 19.98
C VAL A 803 -2.08 -7.69 19.37
N ALA A 804 -2.65 -7.50 18.19
CA ALA A 804 -2.68 -6.19 17.56
C ALA A 804 -3.87 -5.35 18.00
N THR A 805 -5.05 -5.97 18.10
CA THR A 805 -6.23 -5.22 18.54
C THR A 805 -6.11 -4.83 20.01
N PHE A 806 -5.35 -5.58 20.80
CA PHE A 806 -5.13 -5.19 22.19
C PHE A 806 -4.24 -3.95 22.29
N ILE A 807 -3.29 -3.80 21.36
CA ILE A 807 -2.47 -2.60 21.33
C ILE A 807 -3.25 -1.42 20.77
N LEU A 808 -4.10 -1.67 19.78
CA LEU A 808 -4.91 -0.60 19.21
C LEU A 808 -6.08 -0.23 20.12
N GLY A 809 -6.79 -1.23 20.63
CA GLY A 809 -7.94 -0.97 21.46
C GLY A 809 -9.21 -0.80 20.65
N ILE A 810 -9.38 -1.67 19.64
CA ILE A 810 -10.57 -1.60 18.80
C ILE A 810 -11.81 -1.94 19.63
N GLY A 811 -12.97 -1.56 19.10
CA GLY A 811 -14.23 -1.84 19.77
C GLY A 811 -14.46 -3.33 19.97
N ASP A 812 -15.50 -3.62 20.74
CA ASP A 812 -15.84 -5.00 21.08
C ASP A 812 -16.13 -5.82 19.83
N ARG A 813 -15.25 -6.76 19.52
CA ARG A 813 -15.39 -7.59 18.33
C ARG A 813 -16.36 -8.74 18.59
N HIS A 814 -17.37 -8.87 17.74
CA HIS A 814 -18.32 -9.96 17.82
C HIS A 814 -18.11 -10.92 16.64
N ASN A 815 -19.08 -11.81 16.44
CA ASN A 815 -18.94 -12.84 15.40
C ASN A 815 -19.00 -12.26 13.99
N SER A 816 -19.61 -11.09 13.81
CA SER A 816 -19.65 -10.45 12.50
C SER A 816 -18.45 -9.55 12.24
N ASN A 817 -17.67 -9.22 13.27
CA ASN A 817 -16.42 -8.50 13.07
C ASN A 817 -15.27 -9.39 12.67
N ILE A 818 -15.38 -10.70 12.91
CA ILE A 818 -14.31 -11.65 12.63
C ILE A 818 -14.74 -12.52 11.45
N MET A 819 -13.87 -12.61 10.45
CA MET A 819 -14.12 -13.43 9.28
C MET A 819 -13.00 -14.43 9.08
N VAL A 820 -13.34 -15.58 8.51
CA VAL A 820 -12.37 -16.64 8.22
C VAL A 820 -12.51 -17.04 6.77
N LYS A 821 -11.42 -17.52 6.20
CA LYS A 821 -11.39 -18.02 4.83
C LYS A 821 -11.47 -19.53 4.83
N ASP A 822 -11.78 -20.08 3.65
CA ASP A 822 -11.75 -21.54 3.51
C ASP A 822 -10.35 -22.09 3.70
N ASP A 823 -9.33 -21.27 3.41
CA ASP A 823 -7.95 -21.64 3.70
C ASP A 823 -7.68 -21.74 5.19
N GLY A 824 -8.47 -21.06 6.02
CA GLY A 824 -8.30 -21.10 7.45
C GLY A 824 -7.70 -19.85 8.07
N GLN A 825 -7.60 -18.75 7.32
CA GLN A 825 -6.99 -17.53 7.82
C GLN A 825 -8.04 -16.67 8.51
N LEU A 826 -7.70 -16.17 9.70
CA LEU A 826 -8.59 -15.34 10.49
C LEU A 826 -8.19 -13.87 10.34
N PHE A 827 -9.18 -13.00 10.21
CA PHE A 827 -8.94 -11.58 10.09
C PHE A 827 -10.17 -10.81 10.54
N HIS A 828 -9.95 -9.60 11.04
CA HIS A 828 -11.02 -8.74 11.52
C HIS A 828 -11.35 -7.67 10.49
N ILE A 829 -12.55 -7.10 10.63
CA ILE A 829 -13.07 -6.10 9.69
C ILE A 829 -13.81 -5.03 10.47
N ASP A 830 -14.11 -3.93 9.78
CA ASP A 830 -14.91 -2.82 10.31
C ASP A 830 -14.26 -2.24 11.57
N PHE A 831 -13.16 -1.53 11.34
CA PHE A 831 -12.44 -0.84 12.42
C PHE A 831 -12.94 0.59 12.53
N GLY A 832 -14.21 0.70 12.93
CA GLY A 832 -14.84 2.00 13.07
C GLY A 832 -14.42 2.74 14.33
N HIS A 833 -14.24 2.01 15.43
CA HIS A 833 -13.88 2.59 16.71
C HIS A 833 -12.56 1.97 17.17
N PHE A 834 -11.51 2.79 17.23
CA PHE A 834 -10.22 2.37 17.74
C PHE A 834 -9.71 3.43 18.71
N LEU A 835 -8.84 3.00 19.63
CA LEU A 835 -8.37 3.84 20.74
C LEU A 835 -9.51 4.33 21.62
N ASP A 836 -10.65 3.64 21.59
CA ASP A 836 -11.84 4.07 22.30
C ASP A 836 -11.80 3.61 23.75
N HIS A 837 -12.52 4.34 24.61
CA HIS A 837 -12.56 4.03 26.03
C HIS A 837 -13.91 4.40 26.63
N LYS A 838 -14.72 5.14 25.86
CA LYS A 838 -16.05 5.58 26.30
C LYS A 838 -15.99 6.35 27.62
N VAL A 849 -9.13 -7.34 25.28
CA VAL A 849 -10.55 -7.11 25.55
C VAL A 849 -11.42 -7.21 24.28
N PRO A 850 -11.02 -6.58 23.17
CA PRO A 850 -11.86 -6.73 21.96
C PRO A 850 -11.83 -8.13 21.39
N PHE A 851 -10.67 -8.79 21.37
CA PHE A 851 -10.53 -10.15 20.84
C PHE A 851 -10.55 -11.11 22.02
N VAL A 852 -11.74 -11.60 22.35
CA VAL A 852 -11.92 -12.54 23.45
C VAL A 852 -11.77 -13.96 22.91
N LEU A 853 -10.98 -14.78 23.61
CA LEU A 853 -10.80 -16.17 23.24
C LEU A 853 -12.07 -16.96 23.51
N THR A 854 -12.97 -17.04 22.52
CA THR A 854 -14.20 -17.77 22.68
C THR A 854 -13.95 -19.27 22.68
N GLN A 855 -14.99 -20.04 22.99
CA GLN A 855 -14.86 -21.49 23.03
C GLN A 855 -14.58 -22.07 21.64
N ASP A 856 -15.18 -21.48 20.60
CA ASP A 856 -14.99 -22.00 19.26
C ASP A 856 -13.55 -21.86 18.79
N PHE A 857 -12.81 -20.88 19.33
CA PHE A 857 -11.42 -20.70 18.93
C PHE A 857 -10.53 -21.79 19.48
N LEU A 858 -10.65 -22.07 20.79
CA LEU A 858 -9.80 -23.09 21.41
C LEU A 858 -10.15 -24.48 20.92
N ILE A 859 -11.40 -24.70 20.49
CA ILE A 859 -11.75 -25.97 19.87
C ILE A 859 -10.97 -26.17 18.58
N VAL A 860 -10.64 -25.07 17.90
CA VAL A 860 -9.85 -25.15 16.67
C VAL A 860 -8.37 -24.99 16.95
N ILE A 861 -7.99 -24.08 17.86
CA ILE A 861 -6.58 -23.83 18.13
C ILE A 861 -5.94 -25.04 18.81
N SER A 862 -6.53 -25.48 19.93
CA SER A 862 -5.99 -26.61 20.69
C SER A 862 -6.39 -27.93 20.03
N LYS A 863 -5.93 -28.11 18.80
CA LYS A 863 -6.21 -29.30 18.00
C LYS A 863 -7.70 -29.57 17.91
N GLY A 864 -8.16 -30.66 18.52
CA GLY A 864 -9.57 -30.99 18.54
C GLY A 864 -10.06 -31.41 19.91
N ALA A 865 -9.35 -30.97 20.94
CA ALA A 865 -9.70 -31.31 22.32
C ALA A 865 -11.03 -30.67 22.68
N GLN A 866 -12.07 -31.50 22.82
CA GLN A 866 -13.40 -31.00 23.14
C GLN A 866 -13.55 -30.59 24.60
N GLU A 867 -12.54 -30.86 25.44
CA GLU A 867 -12.63 -30.51 26.85
C GLU A 867 -11.52 -29.53 27.24
N CYS A 868 -10.37 -30.05 27.65
CA CYS A 868 -9.27 -29.20 28.09
C CYS A 868 -8.70 -28.43 26.91
N THR A 869 -8.70 -27.10 27.02
CA THR A 869 -8.17 -26.25 25.97
C THR A 869 -6.71 -25.87 26.19
N LYS A 870 -6.23 -25.91 27.43
CA LYS A 870 -4.85 -25.58 27.76
C LYS A 870 -3.98 -26.81 27.53
N THR A 871 -3.57 -27.01 26.27
CA THR A 871 -2.71 -28.12 25.92
C THR A 871 -1.39 -27.62 25.37
N ARG A 872 -0.65 -28.48 24.66
CA ARG A 872 0.61 -28.05 24.06
C ARG A 872 0.40 -27.09 22.91
N GLU A 873 -0.74 -27.20 22.21
CA GLU A 873 -1.03 -26.27 21.12
C GLU A 873 -1.30 -24.87 21.64
N PHE A 874 -2.11 -24.76 22.70
CA PHE A 874 -2.38 -23.45 23.29
C PHE A 874 -1.18 -22.92 24.06
N GLU A 875 -0.34 -23.81 24.57
CA GLU A 875 0.89 -23.38 25.24
C GLU A 875 1.82 -22.66 24.27
N ARG A 876 1.84 -23.08 23.01
CA ARG A 876 2.63 -22.38 21.99
C ARG A 876 1.91 -21.16 21.44
N PHE A 877 0.58 -21.10 21.59
CA PHE A 877 -0.16 -19.91 21.15
C PHE A 877 0.22 -18.69 21.96
N GLN A 878 0.48 -18.88 23.26
CA GLN A 878 0.89 -17.76 24.11
C GLN A 878 2.27 -17.26 23.72
N GLU A 879 3.18 -18.18 23.37
CA GLU A 879 4.54 -17.79 23.01
C GLU A 879 4.57 -16.98 21.73
N MET A 880 3.65 -17.24 20.80
CA MET A 880 3.55 -16.42 19.59
C MET A 880 3.09 -15.01 19.92
N CYS A 881 2.16 -14.88 20.87
CA CYS A 881 1.69 -13.55 21.26
C CYS A 881 2.77 -12.80 22.02
N TYR A 882 3.54 -13.50 22.87
CA TYR A 882 4.61 -12.85 23.62
C TYR A 882 5.68 -12.29 22.68
N LYS A 883 6.08 -13.08 21.68
CA LYS A 883 7.08 -12.60 20.73
C LYS A 883 6.53 -11.50 19.84
N ALA A 884 5.22 -11.51 19.59
CA ALA A 884 4.62 -10.45 18.78
C ALA A 884 4.32 -9.21 19.59
N TYR A 885 3.97 -9.37 20.87
CA TYR A 885 3.72 -8.22 21.73
C TYR A 885 5.01 -7.45 21.99
N LEU A 886 6.08 -8.16 22.36
CA LEU A 886 7.35 -7.52 22.64
C LEU A 886 7.99 -6.93 21.39
N ALA A 887 7.69 -7.50 20.22
CA ALA A 887 8.24 -6.97 18.98
C ALA A 887 7.66 -5.59 18.65
N ILE A 888 6.35 -5.44 18.81
CA ILE A 888 5.73 -4.14 18.57
C ILE A 888 6.18 -3.12 19.61
N ARG A 889 6.37 -3.57 20.86
CA ARG A 889 6.88 -2.69 21.90
C ARG A 889 8.26 -2.15 21.57
N GLN A 890 9.09 -2.96 20.90
CA GLN A 890 10.40 -2.48 20.47
C GLN A 890 10.33 -1.44 19.37
N HIS A 891 9.21 -1.36 18.66
CA HIS A 891 8.97 -0.35 17.63
C HIS A 891 7.86 0.61 18.05
N ALA A 892 7.74 0.88 19.34
CA ALA A 892 6.68 1.76 19.82
C ALA A 892 6.84 3.18 19.31
N ASN A 893 8.08 3.64 19.14
CA ASN A 893 8.31 4.99 18.63
C ASN A 893 7.82 5.15 17.21
N LEU A 894 7.86 4.08 16.42
CA LEU A 894 7.42 4.17 15.03
C LEU A 894 5.91 4.32 14.93
N PHE A 895 5.15 3.53 15.72
CA PHE A 895 3.70 3.57 15.61
C PHE A 895 3.13 4.85 16.25
N ILE A 896 3.69 5.29 17.37
CA ILE A 896 3.20 6.50 18.02
C ILE A 896 3.41 7.71 17.12
N ASN A 897 4.54 7.73 16.38
CA ASN A 897 4.75 8.81 15.41
C ASN A 897 3.72 8.78 14.29
N LEU A 898 3.22 7.59 13.94
CA LEU A 898 2.22 7.50 12.88
C LEU A 898 0.87 8.05 13.34
N PHE A 899 0.60 8.03 14.65
CA PHE A 899 -0.64 8.60 15.15
C PHE A 899 -0.54 10.11 15.34
N SER A 900 0.64 10.60 15.72
CA SER A 900 0.80 12.05 15.90
C SER A 900 0.78 12.79 14.57
N MET A 901 1.18 12.13 13.48
CA MET A 901 1.11 12.73 12.16
C MET A 901 -0.32 12.73 11.59
N MET A 902 -1.23 12.00 12.21
CA MET A 902 -2.63 11.96 11.78
C MET A 902 -3.55 12.76 12.70
N LEU A 903 -2.98 13.53 13.64
CA LEU A 903 -3.82 14.30 14.55
C LEU A 903 -4.53 15.45 13.86
N GLY A 904 -3.94 15.99 12.79
CA GLY A 904 -4.55 17.06 12.04
C GLY A 904 -5.62 16.64 11.07
N SER A 905 -5.98 15.35 11.05
CA SER A 905 -7.00 14.85 10.13
C SER A 905 -8.41 15.01 10.67
N GLY A 906 -8.58 15.54 11.88
CA GLY A 906 -9.91 15.76 12.42
C GLY A 906 -10.69 14.50 12.72
N MET A 907 -10.01 13.38 12.93
CA MET A 907 -10.70 12.13 13.24
C MET A 907 -11.28 12.20 14.65
N PRO A 908 -12.40 11.53 14.89
CA PRO A 908 -13.05 11.63 16.21
C PRO A 908 -12.21 11.10 17.35
N GLU A 909 -11.55 9.96 17.17
CA GLU A 909 -10.72 9.37 18.20
C GLU A 909 -9.27 9.84 18.13
N LEU A 910 -8.94 10.73 17.20
CA LEU A 910 -7.59 11.27 17.07
C LEU A 910 -7.67 12.80 17.15
N GLN A 911 -8.04 13.31 18.31
CA GLN A 911 -8.16 14.75 18.54
C GLN A 911 -7.05 15.29 19.43
N SER A 912 -6.80 14.67 20.57
CA SER A 912 -5.79 15.12 21.51
C SER A 912 -4.83 13.98 21.81
N PHE A 913 -3.79 14.29 22.59
CA PHE A 913 -2.75 13.31 22.92
C PHE A 913 -3.19 12.32 23.98
N ASP A 914 -4.37 12.48 24.58
CA ASP A 914 -4.86 11.51 25.54
C ASP A 914 -5.27 10.19 24.87
N ASP A 915 -5.49 10.21 23.55
CA ASP A 915 -5.84 8.98 22.84
C ASP A 915 -4.60 8.20 22.44
N ILE A 916 -3.57 8.88 21.95
CA ILE A 916 -2.34 8.20 21.58
C ILE A 916 -1.63 7.67 22.82
N ALA A 917 -1.86 8.29 23.98
CA ALA A 917 -1.28 7.79 25.22
C ALA A 917 -1.86 6.43 25.61
N TYR A 918 -3.01 6.06 25.06
CA TYR A 918 -3.56 4.73 25.31
C TYR A 918 -2.65 3.64 24.76
N ILE A 919 -1.88 3.95 23.72
CA ILE A 919 -0.90 2.99 23.21
C ILE A 919 0.23 2.78 24.21
N ARG A 920 0.63 3.86 24.90
CA ARG A 920 1.69 3.75 25.89
C ARG A 920 1.32 2.83 27.05
N LYS A 921 0.05 2.81 27.43
CA LYS A 921 -0.37 1.98 28.55
C LYS A 921 -0.58 0.53 28.14
N THR A 922 -1.16 0.30 26.95
CA THR A 922 -1.35 -1.07 26.48
C THR A 922 -0.04 -1.72 26.06
N LEU A 923 0.99 -0.93 25.78
CA LEU A 923 2.32 -1.47 25.52
C LEU A 923 3.20 -1.48 26.75
N ALA A 924 2.76 -0.86 27.84
CA ALA A 924 3.51 -0.78 29.10
C ALA A 924 4.90 -0.18 28.86
N LEU A 925 4.90 1.02 28.27
CA LEU A 925 6.13 1.72 27.96
C LEU A 925 6.79 2.34 29.18
N ASP A 926 6.16 2.26 30.36
CA ASP A 926 6.74 2.76 31.59
C ASP A 926 7.38 1.66 32.44
N LYS A 927 7.38 0.43 31.96
CA LYS A 927 7.95 -0.71 32.67
C LYS A 927 9.10 -1.30 31.84
N THR A 928 9.77 -2.30 32.41
CA THR A 928 10.88 -2.94 31.74
C THR A 928 10.34 -4.03 30.80
N GLU A 929 11.25 -4.83 30.24
CA GLU A 929 10.84 -5.86 29.28
C GLU A 929 10.05 -6.97 29.96
N GLN A 930 10.51 -7.44 31.12
CA GLN A 930 9.81 -8.51 31.81
C GLN A 930 8.55 -8.01 32.51
N GLU A 931 8.60 -6.79 33.06
CA GLU A 931 7.42 -6.25 33.73
C GLU A 931 6.30 -5.96 32.74
N ALA A 932 6.65 -5.58 31.51
CA ALA A 932 5.64 -5.40 30.47
C ALA A 932 5.08 -6.73 29.99
N LEU A 933 5.84 -7.81 30.15
CA LEU A 933 5.33 -9.13 29.75
C LEU A 933 4.23 -9.59 30.69
N GLU A 934 4.42 -9.43 32.00
CA GLU A 934 3.40 -9.84 32.96
C GLU A 934 2.16 -8.96 32.86
N TYR A 935 2.30 -7.72 32.39
CA TYR A 935 1.14 -6.86 32.18
C TYR A 935 0.21 -7.45 31.14
N PHE A 936 0.77 -7.90 30.01
CA PHE A 936 -0.06 -8.51 28.97
C PHE A 936 -0.67 -9.82 29.46
N MET A 937 0.12 -10.64 30.16
CA MET A 937 -0.41 -11.88 30.71
C MET A 937 -1.50 -11.61 31.75
N LYS A 938 -1.37 -10.51 32.50
CA LYS A 938 -2.39 -10.15 33.47
C LYS A 938 -3.68 -9.73 32.78
N GLN A 939 -3.59 -8.81 31.81
CA GLN A 939 -4.78 -8.33 31.13
C GLN A 939 -5.41 -9.40 30.25
N MET A 940 -4.61 -10.35 29.77
CA MET A 940 -5.18 -11.47 29.01
C MET A 940 -5.91 -12.44 29.93
N ASN A 941 -5.36 -12.68 31.13
CA ASN A 941 -6.02 -13.55 32.09
C ASN A 941 -7.22 -12.88 32.74
N ASP A 942 -7.34 -11.56 32.64
CA ASP A 942 -8.51 -10.86 33.15
C ASP A 942 -9.64 -10.84 32.12
N ALA A 943 -9.32 -10.59 30.85
CA ALA A 943 -10.34 -10.65 29.80
C ALA A 943 -10.86 -12.08 29.64
N HIS A 944 -9.96 -13.06 29.63
CA HIS A 944 -10.33 -14.46 29.60
C HIS A 944 -10.19 -15.01 31.01
N HIS A 945 -11.31 -15.11 31.72
CA HIS A 945 -11.31 -15.52 33.12
C HIS A 945 -10.64 -16.87 33.31
N GLY A 946 -9.40 -16.86 33.81
CA GLY A 946 -8.65 -18.08 33.97
C GLY A 946 -8.16 -18.67 32.67
N GLY A 947 -7.84 -17.83 31.68
CA GLY A 947 -7.39 -18.31 30.39
C GLY A 947 -5.90 -18.19 30.16
N TRP A 948 -5.30 -17.10 30.64
CA TRP A 948 -3.88 -16.87 30.45
C TRP A 948 -3.13 -16.88 31.78
N THR A 949 -3.18 -18.01 32.48
CA THR A 949 -2.46 -18.14 33.74
C THR A 949 -0.96 -18.16 33.49
N THR A 950 -0.20 -17.76 34.51
CA THR A 950 1.26 -17.70 34.42
C THR A 950 1.86 -19.06 34.09
N GLN B 13 -14.39 -23.99 -29.41
CA GLN B 13 -14.55 -24.70 -30.67
C GLN B 13 -14.61 -26.22 -30.44
N GLU B 14 -13.45 -26.83 -30.23
CA GLU B 14 -13.35 -28.26 -29.95
C GLU B 14 -12.27 -28.45 -28.89
N LYS B 15 -12.68 -28.41 -27.62
CA LYS B 15 -11.75 -28.50 -26.51
C LYS B 15 -11.16 -29.91 -26.43
N TYR B 16 -9.83 -30.00 -26.53
CA TYR B 16 -9.12 -31.27 -26.40
C TYR B 16 -7.79 -30.98 -25.70
N ARG B 17 -7.78 -31.16 -24.38
CA ARG B 17 -6.57 -30.96 -23.57
C ARG B 17 -5.82 -32.30 -23.52
N LEU B 18 -4.80 -32.44 -24.36
CA LEU B 18 -4.00 -33.67 -24.41
C LEU B 18 -2.86 -33.57 -23.41
N VAL B 19 -2.56 -34.69 -22.76
CA VAL B 19 -1.52 -34.77 -21.75
C VAL B 19 -0.57 -35.91 -22.11
N VAL B 20 0.72 -35.65 -21.98
CA VAL B 20 1.76 -36.64 -22.28
C VAL B 20 2.44 -36.98 -20.96
N VAL B 21 2.09 -38.12 -20.38
CA VAL B 21 2.67 -38.57 -19.13
C VAL B 21 3.65 -39.70 -19.42
N GLY B 22 4.57 -39.91 -18.49
CA GLY B 22 5.55 -40.96 -18.65
C GLY B 22 6.73 -40.73 -17.73
N GLY B 23 7.67 -41.67 -17.80
CA GLY B 23 8.87 -41.61 -16.99
C GLY B 23 9.83 -40.54 -17.47
N GLY B 24 11.05 -40.60 -16.94
CA GLY B 24 12.08 -39.65 -17.29
C GLY B 24 12.89 -40.11 -18.49
N GLY B 25 13.07 -39.20 -19.44
CA GLY B 25 13.88 -39.50 -20.61
C GLY B 25 13.27 -40.50 -21.57
N VAL B 26 11.97 -40.76 -21.47
CA VAL B 26 11.34 -41.71 -22.38
C VAL B 26 11.02 -41.09 -23.73
N GLY B 27 11.02 -39.76 -23.83
CA GLY B 27 10.75 -39.08 -25.06
C GLY B 27 9.48 -38.24 -25.11
N LYS B 28 8.93 -37.85 -23.95
CA LYS B 28 7.74 -37.02 -23.94
C LYS B 28 8.01 -35.67 -24.59
N SER B 29 9.20 -35.11 -24.34
CA SER B 29 9.51 -33.79 -24.89
C SER B 29 9.80 -33.86 -26.39
N ALA B 30 10.52 -34.91 -26.82
CA ALA B 30 10.85 -35.03 -28.24
C ALA B 30 9.61 -35.33 -29.08
N LEU B 31 8.68 -36.13 -28.54
CA LEU B 31 7.46 -36.44 -29.29
C LEU B 31 6.51 -35.26 -29.31
N THR B 32 6.49 -34.44 -28.26
CA THR B 32 5.55 -33.33 -28.19
C THR B 32 5.90 -32.25 -29.21
N ILE B 33 7.15 -31.79 -29.21
CA ILE B 33 7.56 -30.75 -30.16
C ILE B 33 7.62 -31.30 -31.57
N GLN B 34 7.73 -32.62 -31.74
CA GLN B 34 7.68 -33.19 -33.08
C GLN B 34 6.30 -33.04 -33.70
N PHE B 35 5.26 -32.95 -32.87
CA PHE B 35 3.90 -32.82 -33.39
C PHE B 35 3.60 -31.40 -33.85
N ILE B 36 4.27 -30.40 -33.28
CA ILE B 36 4.08 -29.01 -33.65
C ILE B 36 5.25 -28.49 -34.48
N ALA B 37 6.44 -28.42 -33.89
CA ALA B 37 7.61 -27.90 -34.58
C ALA B 37 8.11 -28.84 -35.68
N SER B 38 7.77 -30.12 -35.60
CA SER B 38 8.17 -31.12 -36.61
C SER B 38 9.68 -31.19 -36.76
N TYR B 39 10.40 -31.08 -35.64
CA TYR B 39 11.85 -31.22 -35.65
C TYR B 39 12.27 -31.99 -34.40
N PHE B 40 13.15 -32.97 -34.59
CA PHE B 40 13.61 -33.81 -33.49
C PHE B 40 14.72 -33.11 -32.71
N VAL B 41 14.63 -33.18 -31.38
CA VAL B 41 15.57 -32.53 -30.50
C VAL B 41 16.47 -33.60 -29.88
N THR B 42 17.67 -33.19 -29.49
CA THR B 42 18.65 -34.10 -28.92
C THR B 42 19.09 -33.73 -27.51
N ASP B 43 18.63 -32.60 -26.97
CA ASP B 43 19.02 -32.22 -25.63
C ASP B 43 18.16 -32.96 -24.60
N TYR B 44 18.67 -33.00 -23.37
CA TYR B 44 17.98 -33.64 -22.25
C TYR B 44 17.60 -32.54 -21.28
N ASP B 45 16.55 -31.79 -21.63
CA ASP B 45 16.01 -30.77 -20.74
C ASP B 45 14.94 -31.40 -19.87
N PRO B 46 15.21 -31.62 -18.57
CA PRO B 46 14.18 -32.20 -17.70
C PRO B 46 12.94 -31.32 -17.62
N THR B 47 11.87 -31.75 -18.29
CA THR B 47 10.65 -30.96 -18.34
C THR B 47 9.97 -30.91 -16.98
N ILE B 48 9.35 -29.78 -16.68
CA ILE B 48 8.53 -29.65 -15.48
C ILE B 48 7.07 -29.63 -15.90
N GLU B 49 6.67 -28.61 -16.65
CA GLU B 49 5.34 -28.57 -17.27
C GLU B 49 5.36 -27.50 -18.35
N ASP B 50 5.29 -27.92 -19.61
CA ASP B 50 5.24 -27.02 -20.75
C ASP B 50 3.95 -27.27 -21.53
N SER B 51 3.34 -26.20 -22.03
CA SER B 51 2.10 -26.27 -22.76
C SER B 51 2.32 -25.92 -24.23
N TYR B 52 1.66 -26.66 -25.12
CA TYR B 52 1.72 -26.42 -26.55
C TYR B 52 0.32 -26.50 -27.13
N THR B 53 0.07 -25.69 -28.15
CA THR B 53 -1.23 -25.64 -28.82
C THR B 53 -1.04 -25.75 -30.32
N LYS B 54 -1.88 -26.55 -30.97
CA LYS B 54 -1.82 -26.72 -32.41
C LYS B 54 -3.22 -27.03 -32.93
N GLN B 55 -3.67 -26.24 -33.90
CA GLN B 55 -4.95 -26.47 -34.55
C GLN B 55 -4.80 -27.54 -35.62
N CYS B 56 -5.58 -28.61 -35.52
CA CYS B 56 -5.53 -29.72 -36.45
C CYS B 56 -6.89 -29.96 -37.07
N VAL B 57 -6.89 -30.40 -38.32
CA VAL B 57 -8.12 -30.70 -39.05
C VAL B 57 -8.05 -32.11 -39.61
N ILE B 58 -7.09 -32.91 -39.11
CA ILE B 58 -7.00 -34.29 -39.55
C ILE B 58 -8.22 -35.09 -39.09
N ASP B 59 -8.74 -34.76 -37.91
CA ASP B 59 -9.99 -35.36 -37.44
C ASP B 59 -11.15 -34.92 -38.35
N ASP B 60 -12.30 -35.56 -38.16
CA ASP B 60 -13.45 -35.25 -39.00
C ASP B 60 -13.96 -33.83 -38.83
N ARG B 61 -13.52 -33.12 -37.79
CA ARG B 61 -13.90 -31.73 -37.57
C ARG B 61 -12.64 -30.96 -37.13
N ALA B 62 -12.84 -29.80 -36.53
CA ALA B 62 -11.74 -29.02 -36.00
C ALA B 62 -11.28 -29.61 -34.67
N ALA B 63 -10.18 -29.08 -34.15
CA ALA B 63 -9.62 -29.58 -32.89
C ALA B 63 -8.72 -28.51 -32.28
N ARG B 64 -9.02 -28.13 -31.04
CA ARG B 64 -8.17 -27.24 -30.26
C ARG B 64 -7.34 -28.10 -29.33
N LEU B 65 -6.22 -28.59 -29.84
CA LEU B 65 -5.36 -29.50 -29.09
C LEU B 65 -4.49 -28.71 -28.12
N ASP B 66 -4.74 -28.90 -26.82
CA ASP B 66 -3.94 -28.29 -25.77
C ASP B 66 -3.04 -29.38 -25.18
N ILE B 67 -1.80 -29.43 -25.67
CA ILE B 67 -0.85 -30.47 -25.28
C ILE B 67 -0.06 -30.00 -24.06
N LEU B 68 0.12 -30.91 -23.10
CA LEU B 68 0.86 -30.64 -21.87
C LEU B 68 1.98 -31.66 -21.75
N ASP B 69 3.22 -31.21 -21.92
CA ASP B 69 4.38 -32.07 -21.72
C ASP B 69 4.71 -32.09 -20.24
N THR B 70 4.37 -33.19 -19.57
CA THR B 70 4.48 -33.29 -18.13
C THR B 70 5.87 -33.78 -17.72
N ALA B 71 6.13 -33.72 -16.42
CA ALA B 71 7.41 -34.09 -15.84
C ALA B 71 7.46 -35.58 -15.52
N GLY B 72 8.68 -36.10 -15.39
CA GLY B 72 8.89 -37.49 -15.04
C GLY B 72 10.07 -37.66 -14.11
N GLN B 73 10.33 -36.65 -13.28
CA GLN B 73 11.44 -36.67 -12.34
C GLN B 73 11.05 -37.18 -10.96
N GLU B 74 9.76 -37.47 -10.75
CA GLU B 74 9.23 -37.95 -9.47
C GLU B 74 9.36 -36.92 -8.36
N GLU B 75 10.06 -35.82 -8.60
CA GLU B 75 10.10 -34.72 -7.65
C GLU B 75 8.97 -33.72 -7.87
N PHE B 76 8.31 -33.77 -9.02
CA PHE B 76 7.15 -32.94 -9.30
C PHE B 76 5.86 -33.78 -9.34
N GLY B 77 5.86 -34.90 -8.60
CA GLY B 77 4.70 -35.77 -8.57
C GLY B 77 3.46 -35.12 -7.99
N ALA B 78 3.62 -34.11 -7.15
CA ALA B 78 2.47 -33.37 -6.64
C ALA B 78 1.71 -32.66 -7.75
N MET B 79 2.37 -32.37 -8.87
CA MET B 79 1.72 -31.76 -10.01
C MET B 79 0.92 -32.77 -10.84
N ARG B 80 1.12 -34.07 -10.62
CA ARG B 80 0.34 -35.08 -11.33
C ARG B 80 -1.15 -34.96 -10.99
N GLU B 81 -1.46 -34.81 -9.72
CA GLU B 81 -2.85 -34.73 -9.26
C GLU B 81 -3.58 -33.50 -9.80
N GLN B 82 -2.90 -32.61 -10.52
CA GLN B 82 -3.55 -31.43 -11.08
C GLN B 82 -3.99 -31.65 -12.53
N TYR B 83 -3.04 -31.94 -13.42
CA TYR B 83 -3.38 -32.10 -14.82
C TYR B 83 -4.19 -33.37 -15.09
N MET B 84 -4.19 -34.31 -14.15
CA MET B 84 -5.05 -35.49 -14.26
C MET B 84 -6.51 -35.19 -13.95
N ARG B 85 -6.83 -33.95 -13.59
CA ARG B 85 -8.21 -33.53 -13.36
C ARG B 85 -8.78 -32.70 -14.50
N THR B 86 -7.92 -31.97 -15.22
CA THR B 86 -8.37 -31.08 -16.28
C THR B 86 -8.21 -31.67 -17.68
N GLY B 87 -7.34 -32.67 -17.84
CA GLY B 87 -7.11 -33.23 -19.17
C GLY B 87 -8.14 -34.29 -19.52
N GLU B 88 -8.50 -34.34 -20.80
CA GLU B 88 -9.45 -35.33 -21.32
C GLU B 88 -8.78 -36.33 -22.25
N GLY B 89 -7.44 -36.36 -22.29
CA GLY B 89 -6.73 -37.30 -23.13
C GLY B 89 -5.28 -37.45 -22.71
N PHE B 90 -4.87 -38.69 -22.42
CA PHE B 90 -3.53 -38.97 -21.92
C PHE B 90 -2.79 -39.88 -22.89
N LEU B 91 -1.45 -39.88 -22.76
CA LEU B 91 -0.58 -40.74 -23.56
C LEU B 91 0.42 -41.39 -22.62
N LEU B 92 0.14 -42.63 -22.22
CA LEU B 92 1.08 -43.42 -21.43
C LEU B 92 2.25 -43.80 -22.33
N VAL B 93 3.33 -43.04 -22.27
CA VAL B 93 4.47 -43.27 -23.15
C VAL B 93 5.64 -43.82 -22.32
N PHE B 94 6.42 -44.70 -22.96
CA PHE B 94 7.60 -45.27 -22.34
C PHE B 94 8.62 -45.55 -23.42
N SER B 95 9.86 -45.77 -23.00
CA SER B 95 10.95 -46.09 -23.91
C SER B 95 11.15 -47.59 -23.96
N VAL B 96 11.18 -48.15 -25.18
CA VAL B 96 11.45 -49.56 -25.35
C VAL B 96 12.88 -49.93 -24.97
N THR B 97 13.75 -48.93 -24.80
CA THR B 97 15.11 -49.15 -24.33
C THR B 97 15.23 -49.02 -22.81
N ASP B 98 14.11 -48.82 -22.11
CA ASP B 98 14.12 -48.63 -20.66
C ASP B 98 12.96 -49.43 -20.08
N ARG B 99 13.27 -50.60 -19.51
CA ARG B 99 12.25 -51.40 -18.85
C ARG B 99 11.73 -50.73 -17.58
N GLY B 100 12.53 -49.86 -16.96
CA GLY B 100 12.07 -49.15 -15.78
C GLY B 100 10.81 -48.35 -16.05
N SER B 101 10.78 -47.63 -17.18
CA SER B 101 9.56 -46.92 -17.56
C SER B 101 8.43 -47.87 -17.91
N PHE B 102 8.76 -49.03 -18.48
CA PHE B 102 7.73 -49.99 -18.85
C PHE B 102 7.01 -50.54 -17.63
N GLU B 103 7.76 -50.84 -16.56
CA GLU B 103 7.17 -51.36 -15.33
C GLU B 103 6.64 -50.25 -14.42
N GLU B 104 6.64 -49.00 -14.87
CA GLU B 104 6.09 -47.89 -14.12
C GLU B 104 4.98 -47.17 -14.87
N ILE B 105 4.58 -47.69 -16.04
CA ILE B 105 3.50 -47.07 -16.80
C ILE B 105 2.17 -47.25 -16.07
N TYR B 106 1.94 -48.44 -15.51
CA TYR B 106 0.66 -48.71 -14.86
C TYR B 106 0.39 -47.76 -13.70
N LYS B 107 1.45 -47.30 -13.02
CA LYS B 107 1.25 -46.34 -11.93
C LYS B 107 0.61 -45.06 -12.43
N PHE B 108 0.97 -44.62 -13.65
CA PHE B 108 0.28 -43.49 -14.25
C PHE B 108 -1.15 -43.84 -14.61
N GLN B 109 -1.39 -45.07 -15.05
CA GLN B 109 -2.73 -45.48 -15.44
C GLN B 109 -3.66 -45.64 -14.24
N ARG B 110 -3.10 -45.94 -13.06
CA ARG B 110 -3.92 -46.09 -11.87
C ARG B 110 -4.27 -44.74 -11.27
N GLN B 111 -3.36 -43.77 -11.32
CA GLN B 111 -3.63 -42.46 -10.76
C GLN B 111 -4.69 -41.70 -11.57
N ILE B 112 -4.71 -41.90 -12.88
CA ILE B 112 -5.69 -41.20 -13.72
C ILE B 112 -7.10 -41.68 -13.41
N LEU B 113 -7.29 -43.00 -13.38
CA LEU B 113 -8.62 -43.54 -13.11
C LEU B 113 -9.06 -43.30 -11.67
N ARG B 114 -8.10 -43.24 -10.73
CA ARG B 114 -8.44 -42.97 -9.34
C ARG B 114 -8.88 -41.52 -9.16
N VAL B 115 -8.28 -40.59 -9.91
CA VAL B 115 -8.63 -39.19 -9.79
C VAL B 115 -10.04 -38.94 -10.32
N LYS B 116 -10.33 -39.44 -11.51
CA LYS B 116 -11.61 -39.19 -12.17
C LYS B 116 -12.71 -40.14 -11.71
N ASP B 117 -12.36 -41.21 -10.99
CA ASP B 117 -13.33 -42.19 -10.49
C ASP B 117 -14.16 -42.76 -11.65
N ARG B 118 -13.44 -43.32 -12.62
CA ARG B 118 -14.04 -43.91 -13.81
C ARG B 118 -13.39 -45.25 -14.10
N ASP B 119 -14.14 -46.11 -14.80
CA ASP B 119 -13.62 -47.41 -15.17
C ASP B 119 -12.55 -47.30 -16.25
N GLU B 120 -12.73 -46.37 -17.18
CA GLU B 120 -11.78 -46.17 -18.27
C GLU B 120 -11.74 -44.70 -18.63
N PHE B 121 -10.73 -44.33 -19.42
CA PHE B 121 -10.58 -42.96 -19.89
C PHE B 121 -9.71 -42.98 -21.14
N PRO B 122 -9.99 -42.12 -22.14
CA PRO B 122 -9.21 -42.17 -23.38
C PRO B 122 -7.71 -41.96 -23.18
N MET B 123 -6.94 -43.01 -23.40
CA MET B 123 -5.48 -42.94 -23.31
C MET B 123 -4.89 -44.00 -24.22
N ILE B 124 -3.72 -43.70 -24.79
CA ILE B 124 -3.06 -44.56 -25.75
C ILE B 124 -1.66 -44.88 -25.23
N LEU B 125 -1.32 -46.17 -25.21
CA LEU B 125 0.00 -46.61 -24.78
C LEU B 125 0.98 -46.48 -25.94
N ILE B 126 2.02 -45.65 -25.75
CA ILE B 126 2.98 -45.34 -26.80
C ILE B 126 4.33 -45.92 -26.41
N GLY B 127 4.96 -46.63 -27.35
CA GLY B 127 6.31 -47.14 -27.15
C GLY B 127 7.31 -46.36 -27.98
N ASN B 128 8.08 -45.49 -27.33
CA ASN B 128 8.97 -44.58 -28.04
C ASN B 128 10.36 -45.18 -28.19
N LYS B 129 11.21 -44.45 -28.92
CA LYS B 129 12.60 -44.85 -29.19
C LYS B 129 12.66 -46.21 -29.89
N ALA B 130 11.71 -46.44 -30.79
CA ALA B 130 11.68 -47.70 -31.53
C ALA B 130 12.80 -47.80 -32.56
N ASP B 131 13.43 -46.68 -32.92
CA ASP B 131 14.55 -46.73 -33.85
C ASP B 131 15.78 -47.38 -33.22
N LEU B 132 15.94 -47.25 -31.91
CA LEU B 132 17.07 -47.85 -31.20
C LEU B 132 16.83 -49.33 -30.96
N ASP B 133 16.73 -50.08 -32.06
CA ASP B 133 16.48 -51.52 -31.98
C ASP B 133 17.66 -52.25 -31.37
N HIS B 134 18.88 -51.74 -31.55
CA HIS B 134 20.06 -52.37 -30.97
C HIS B 134 20.13 -52.24 -29.46
N GLN B 135 19.27 -51.41 -28.86
CA GLN B 135 19.24 -51.25 -27.41
C GLN B 135 17.84 -51.48 -26.84
N ARG B 136 16.96 -52.10 -27.61
CA ARG B 136 15.60 -52.35 -27.14
C ARG B 136 15.59 -53.43 -26.07
N GLN B 137 14.96 -53.14 -24.94
CA GLN B 137 14.80 -54.10 -23.87
C GLN B 137 13.36 -54.56 -23.68
N VAL B 138 12.39 -53.86 -24.24
CA VAL B 138 10.98 -54.24 -24.19
C VAL B 138 10.54 -54.52 -25.61
N THR B 139 10.34 -55.81 -25.92
CA THR B 139 9.93 -56.17 -27.27
C THR B 139 8.49 -55.75 -27.54
N GLN B 140 8.07 -55.93 -28.79
CA GLN B 140 6.73 -55.50 -29.19
C GLN B 140 5.65 -56.33 -28.51
N GLU B 141 5.88 -57.64 -28.34
CA GLU B 141 4.87 -58.50 -27.75
C GLU B 141 4.56 -58.09 -26.31
N GLU B 142 5.57 -57.62 -25.57
CA GLU B 142 5.32 -57.10 -24.24
C GLU B 142 4.57 -55.79 -24.27
N GLY B 143 4.61 -55.07 -25.38
CA GLY B 143 3.86 -53.82 -25.47
C GLY B 143 2.37 -54.04 -25.55
N GLN B 144 1.94 -54.88 -26.50
CA GLN B 144 0.52 -55.22 -26.60
C GLN B 144 0.04 -56.01 -25.40
N GLN B 145 0.95 -56.60 -24.62
CA GLN B 145 0.56 -57.25 -23.38
C GLN B 145 -0.02 -56.24 -22.40
N LEU B 146 0.65 -55.09 -22.24
CA LEU B 146 0.12 -54.03 -21.39
C LEU B 146 -1.06 -53.32 -22.03
N ALA B 147 -1.23 -53.42 -23.35
CA ALA B 147 -2.39 -52.83 -23.99
C ALA B 147 -3.67 -53.56 -23.59
N ARG B 148 -3.64 -54.89 -23.62
CA ARG B 148 -4.80 -55.66 -23.18
C ARG B 148 -4.99 -55.60 -21.67
N GLN B 149 -3.89 -55.50 -20.92
CA GLN B 149 -3.98 -55.41 -19.47
C GLN B 149 -4.60 -54.08 -19.04
N LEU B 150 -4.14 -52.98 -19.63
CA LEU B 150 -4.69 -51.66 -19.33
C LEU B 150 -5.91 -51.32 -20.16
N LYS B 151 -6.34 -52.22 -21.05
CA LYS B 151 -7.51 -52.00 -21.91
C LYS B 151 -7.36 -50.74 -22.75
N VAL B 152 -6.14 -50.50 -23.24
CA VAL B 152 -5.85 -49.33 -24.07
C VAL B 152 -5.33 -49.80 -25.42
N THR B 153 -5.01 -48.84 -26.30
CA THR B 153 -4.47 -49.13 -27.61
C THR B 153 -2.96 -48.93 -27.58
N TYR B 154 -2.22 -49.89 -28.15
CA TYR B 154 -0.76 -49.82 -28.21
C TYR B 154 -0.33 -49.30 -29.56
N MET B 155 0.76 -48.52 -29.57
CA MET B 155 1.29 -47.95 -30.80
C MET B 155 2.73 -47.54 -30.56
N GLU B 156 3.65 -48.14 -31.30
CA GLU B 156 5.06 -47.76 -31.19
C GLU B 156 5.32 -46.47 -31.95
N ALA B 157 6.35 -45.75 -31.53
CA ALA B 157 6.69 -44.47 -32.14
C ALA B 157 8.20 -44.26 -32.04
N SER B 158 8.68 -43.26 -32.77
CA SER B 158 10.09 -42.90 -32.73
C SER B 158 10.22 -41.45 -33.17
N ALA B 159 10.56 -40.57 -32.22
CA ALA B 159 10.72 -39.16 -32.54
C ALA B 159 11.92 -38.90 -33.44
N LYS B 160 12.91 -39.80 -33.42
CA LYS B 160 14.12 -39.59 -34.22
C LYS B 160 13.81 -39.70 -35.71
N ILE B 161 12.84 -40.54 -36.10
CA ILE B 161 12.44 -40.70 -37.48
C ILE B 161 11.01 -40.24 -37.73
N ARG B 162 10.34 -39.70 -36.71
CA ARG B 162 8.95 -39.24 -36.80
C ARG B 162 8.04 -40.35 -37.32
N MET B 163 7.91 -41.39 -36.50
CA MET B 163 7.06 -42.53 -36.79
C MET B 163 5.85 -42.49 -35.86
N ASN B 164 4.66 -42.45 -36.45
CA ASN B 164 3.40 -42.44 -35.71
C ASN B 164 3.32 -41.28 -34.72
N VAL B 165 3.89 -40.13 -35.08
CA VAL B 165 3.81 -38.96 -34.22
C VAL B 165 2.46 -38.29 -34.35
N ASP B 166 2.00 -38.08 -35.60
CA ASP B 166 0.67 -37.52 -35.82
C ASP B 166 -0.40 -38.53 -35.45
N GLN B 167 -0.16 -39.82 -35.74
CA GLN B 167 -1.15 -40.84 -35.45
C GLN B 167 -1.35 -41.04 -33.95
N ALA B 168 -0.32 -40.77 -33.15
CA ALA B 168 -0.44 -40.94 -31.70
C ALA B 168 -1.43 -39.95 -31.12
N PHE B 169 -1.33 -38.68 -31.50
CA PHE B 169 -2.25 -37.67 -30.99
C PHE B 169 -3.61 -37.73 -31.68
N HIS B 170 -3.65 -38.16 -32.94
CA HIS B 170 -4.91 -38.23 -33.66
C HIS B 170 -5.74 -39.43 -33.18
N GLU B 171 -5.10 -40.55 -32.88
CA GLU B 171 -5.82 -41.67 -32.31
C GLU B 171 -6.27 -41.39 -30.88
N LEU B 172 -5.65 -40.42 -30.21
CA LEU B 172 -6.11 -40.04 -28.88
C LEU B 172 -7.39 -39.22 -28.94
N VAL B 173 -7.50 -38.32 -29.93
CA VAL B 173 -8.71 -37.52 -30.07
C VAL B 173 -9.86 -38.36 -30.63
N ARG B 174 -9.57 -39.52 -31.21
CA ARG B 174 -10.62 -40.40 -31.69
C ARG B 174 -11.24 -41.22 -30.56
N VAL B 175 -10.52 -41.45 -29.47
CA VAL B 175 -11.10 -42.14 -28.33
C VAL B 175 -11.90 -41.17 -27.46
N ILE B 176 -11.55 -39.89 -27.49
CA ILE B 176 -12.31 -38.89 -26.73
C ILE B 176 -13.71 -38.73 -27.30
N ARG B 177 -13.83 -38.72 -28.63
CA ARG B 177 -15.16 -38.62 -29.24
C ARG B 177 -15.95 -39.90 -29.05
N LYS B 178 -15.29 -41.06 -29.11
CA LYS B 178 -15.93 -42.34 -28.90
C LYS B 178 -16.09 -42.70 -27.42
N PHE B 179 -15.77 -41.77 -26.53
CA PHE B 179 -15.95 -41.98 -25.10
C PHE B 179 -17.38 -41.60 -24.70
N GLN B 180 -17.64 -40.30 -24.62
CA GLN B 180 -18.98 -39.77 -24.33
C GLN B 180 -19.55 -40.35 -23.04
#